data_6W1K
#
_entry.id   6W1K
#
_cell.length_a   92.300
_cell.length_b   98.200
_cell.length_c   203.800
_cell.angle_alpha   90.000
_cell.angle_beta   90.000
_cell.angle_gamma   90.000
#
_symmetry.space_group_name_H-M   'P 21 21 21'
#
loop_
_entity.id
_entity.type
_entity.pdbx_description
1 polymer 'Hydroxyglutarate synthase'
2 non-polymer 'NICKEL (II) ION'
3 non-polymer '2-OXOADIPIC ACID'
4 non-polymer 'SULFATE ION'
5 water water
#
_entity_poly.entity_id   1
_entity_poly.type   'polypeptide(L)'
_entity_poly.pdbx_seq_one_letter_code
;AAAASAPPAPADALPKGADSFFRTVISNMEKVYLSRNPTAKTILELVRSYDGDHICYDHFAFRTFGVDGYGIKSLAEFFT
DFGYVPREELRFPAKKLRALWFSPPTNDGYTGTGVYGPLPRIFISELLVDELSPQSQDIIQKYIRTSGKGNKHATLASTS
GELTWEKPIYSDFQVLSRESEYAAWTLVNGYALNHTTISTHRLISDIRSINKFNKFVEDNGFKLNSEGGILKVSPDGLLQ
QSSTVADSALFTFADGITESIPRSYIEFAERLVLPQFKDLPNDEVNEHHRRDGFEVGNADKIFESTSNDQLTRRSAHHHH
HH
;
_entity_poly.pdbx_strand_id   A,B,C,D
#
loop_
_chem_comp.id
_chem_comp.type
_chem_comp.name
_chem_comp.formula
NI non-polymer 'NICKEL (II) ION' 'Ni 2'
OOG non-polymer '2-OXOADIPIC ACID' 'C6 H8 O5'
SO4 non-polymer 'SULFATE ION' 'O4 S -2'
#
# COMPACT_ATOMS: atom_id res chain seq x y z
N ALA A 2 -29.99 -17.29 -55.53
CA ALA A 2 -29.07 -16.63 -54.60
C ALA A 2 -29.26 -17.15 -53.17
N ALA A 3 -28.17 -17.29 -52.44
CA ALA A 3 -28.24 -17.78 -51.07
C ALA A 3 -29.02 -16.81 -50.17
N ALA A 4 -29.73 -17.38 -49.21
CA ALA A 4 -30.46 -16.57 -48.23
C ALA A 4 -29.53 -15.58 -47.53
N SER A 5 -29.99 -14.35 -47.39
CA SER A 5 -29.23 -13.23 -46.85
C SER A 5 -30.10 -12.49 -45.86
N ALA A 6 -29.46 -11.80 -44.92
CA ALA A 6 -30.21 -11.00 -43.97
C ALA A 6 -29.33 -9.89 -43.43
N PRO A 7 -29.92 -8.79 -42.99
CA PRO A 7 -29.12 -7.74 -42.37
C PRO A 7 -28.58 -8.18 -41.03
N PRO A 8 -27.53 -7.55 -40.54
CA PRO A 8 -27.07 -7.85 -39.18
C PRO A 8 -28.12 -7.53 -38.11
N ALA A 9 -28.26 -8.41 -37.13
CA ALA A 9 -29.14 -8.13 -35.99
C ALA A 9 -28.65 -6.89 -35.25
N PRO A 10 -29.47 -5.87 -35.09
CA PRO A 10 -29.08 -4.76 -34.20
C PRO A 10 -28.85 -5.28 -32.80
N ALA A 11 -27.89 -4.68 -32.08
CA ALA A 11 -27.70 -5.05 -30.69
C ALA A 11 -28.92 -4.62 -29.89
N ASP A 12 -29.24 -5.38 -28.85
CA ASP A 12 -30.24 -4.98 -27.87
C ASP A 12 -29.94 -3.56 -27.38
N ALA A 13 -31.00 -2.81 -27.18
CA ALA A 13 -30.97 -1.58 -26.39
C ALA A 13 -31.10 -1.86 -24.90
N LEU A 14 -30.47 -1.01 -24.10
CA LEU A 14 -30.64 -1.14 -22.65
C LEU A 14 -32.03 -0.67 -22.17
N PRO A 15 -32.52 -1.22 -21.08
CA PRO A 15 -33.67 -0.60 -20.41
C PRO A 15 -33.31 0.81 -19.94
N LYS A 16 -34.36 1.59 -19.68
CA LYS A 16 -34.21 3.04 -19.50
C LYS A 16 -33.33 3.40 -18.30
N GLY A 17 -33.49 2.70 -17.17
CA GLY A 17 -32.64 3.00 -16.02
C GLY A 17 -31.18 2.68 -16.25
N ALA A 18 -30.91 1.49 -16.80
CA ALA A 18 -29.54 1.10 -17.08
C ALA A 18 -28.84 2.05 -18.04
N ASP A 19 -29.54 2.49 -19.06
CA ASP A 19 -28.96 3.42 -20.02
C ASP A 19 -28.58 4.74 -19.35
N SER A 20 -29.50 5.27 -18.55
CA SER A 20 -29.24 6.50 -17.78
C SER A 20 -28.08 6.30 -16.81
N PHE A 21 -28.11 5.20 -16.08
CA PHE A 21 -27.05 4.95 -15.10
C PHE A 21 -25.70 4.79 -15.79
N PHE A 22 -25.66 4.04 -16.90
CA PHE A 22 -24.40 3.88 -17.62
C PHE A 22 -23.83 5.22 -18.04
N ARG A 23 -24.67 6.14 -18.48
CA ARG A 23 -24.18 7.44 -18.89
C ARG A 23 -23.64 8.27 -17.72
N THR A 24 -24.21 8.14 -16.52
CA THR A 24 -23.60 8.86 -15.39
C THR A 24 -22.22 8.30 -15.07
N VAL A 25 -21.99 6.99 -15.32
CA VAL A 25 -20.69 6.42 -15.05
C VAL A 25 -19.65 6.94 -16.03
N ILE A 26 -19.96 6.94 -17.32
CA ILE A 26 -18.95 7.38 -18.27
C ILE A 26 -18.77 8.87 -18.14
N SER A 27 -19.79 9.57 -17.64
CA SER A 27 -19.65 10.99 -17.36
C SER A 27 -18.64 11.22 -16.25
N ASN A 28 -18.62 10.36 -15.24
CA ASN A 28 -17.63 10.50 -14.18
C ASN A 28 -16.24 10.14 -14.67
N MET A 29 -16.11 9.14 -15.56
CA MET A 29 -14.81 8.88 -16.16
C MET A 29 -14.30 10.11 -16.87
N GLU A 30 -15.17 10.76 -17.63
CA GLU A 30 -14.81 11.96 -18.39
C GLU A 30 -14.46 13.12 -17.47
N LYS A 31 -15.12 13.21 -16.30
CA LYS A 31 -14.82 14.31 -15.38
C LYS A 31 -13.38 14.22 -14.85
N VAL A 32 -12.95 13.02 -14.43
CA VAL A 32 -11.57 12.84 -14.00
C VAL A 32 -10.60 13.19 -15.13
N TYR A 33 -10.87 12.67 -16.33
CA TYR A 33 -10.06 12.96 -17.52
C TYR A 33 -9.90 14.45 -17.77
N LEU A 34 -11.00 15.19 -17.79
CA LEU A 34 -10.90 16.62 -18.06
C LEU A 34 -10.19 17.37 -16.95
N SER A 35 -10.34 16.94 -15.68
CA SER A 35 -9.68 17.64 -14.59
C SER A 35 -8.16 17.45 -14.61
N ARG A 36 -7.66 16.43 -15.29
CA ARG A 36 -6.22 16.18 -15.30
C ARG A 36 -5.57 16.44 -16.64
N ASN A 37 -6.35 16.79 -17.66
CA ASN A 37 -5.86 16.95 -19.03
C ASN A 37 -6.35 18.28 -19.59
N PRO A 38 -5.65 19.37 -19.26
CA PRO A 38 -6.05 20.70 -19.74
C PRO A 38 -6.07 20.83 -21.25
N THR A 39 -5.22 20.10 -21.97
CA THR A 39 -5.20 20.20 -23.42
C THR A 39 -6.49 19.64 -24.01
N ALA A 40 -6.90 18.47 -23.55
CA ALA A 40 -8.13 17.88 -24.05
C ALA A 40 -9.32 18.76 -23.67
N LYS A 41 -9.35 19.24 -22.43
CA LYS A 41 -10.45 20.11 -22.01
C LYS A 41 -10.52 21.36 -22.85
N THR A 42 -9.37 21.98 -23.14
CA THR A 42 -9.39 23.21 -23.93
C THR A 42 -9.87 22.94 -25.35
N ILE A 43 -9.33 21.88 -25.97
CA ILE A 43 -9.71 21.57 -27.34
C ILE A 43 -11.21 21.31 -27.45
N LEU A 44 -11.79 20.57 -26.49
CA LEU A 44 -13.23 20.33 -26.51
C LEU A 44 -14.01 21.64 -26.38
N GLU A 45 -13.52 22.58 -25.59
CA GLU A 45 -14.17 23.88 -25.53
C GLU A 45 -14.01 24.62 -26.86
N LEU A 46 -12.83 24.55 -27.48
CA LEU A 46 -12.61 25.27 -28.73
C LEU A 46 -13.50 24.74 -29.85
N VAL A 47 -13.65 23.43 -29.91
CA VAL A 47 -14.49 22.83 -30.95
C VAL A 47 -15.95 23.22 -30.74
N ARG A 48 -16.41 23.18 -29.49
CA ARG A 48 -17.79 23.55 -29.21
C ARG A 48 -18.06 24.99 -29.64
N SER A 49 -17.13 25.91 -29.34
CA SER A 49 -17.32 27.30 -29.68
C SER A 49 -17.30 27.51 -31.19
N TYR A 50 -16.43 26.79 -31.89
CA TYR A 50 -16.29 26.95 -33.33
C TYR A 50 -17.43 26.28 -34.10
N ASP A 51 -17.81 25.06 -33.70
CA ASP A 51 -18.69 24.25 -34.51
C ASP A 51 -20.13 24.22 -34.00
N GLY A 52 -20.34 24.50 -32.73
CA GLY A 52 -21.65 24.32 -32.13
C GLY A 52 -21.70 23.05 -31.30
N ASP A 53 -22.90 22.74 -30.79
CA ASP A 53 -23.09 21.63 -29.87
C ASP A 53 -23.23 20.32 -30.65
N HIS A 54 -22.11 19.83 -31.15
CA HIS A 54 -22.20 18.68 -32.03
C HIS A 54 -21.10 17.66 -31.77
N ILE A 55 -20.44 17.72 -30.62
CA ILE A 55 -19.34 16.85 -30.32
C ILE A 55 -19.87 15.47 -29.93
N CYS A 56 -19.45 14.46 -30.67
CA CYS A 56 -19.78 13.07 -30.39
C CYS A 56 -18.48 12.31 -30.18
N TYR A 57 -18.52 11.36 -29.29
CA TYR A 57 -17.33 10.61 -28.92
C TYR A 57 -17.28 9.33 -29.73
N ASP A 58 -16.24 9.19 -30.53
CA ASP A 58 -16.10 8.01 -31.38
C ASP A 58 -15.81 6.78 -30.55
N HIS A 59 -14.87 6.90 -29.62
CA HIS A 59 -14.54 5.84 -28.68
C HIS A 59 -13.79 6.37 -27.46
N PHE A 60 -13.81 5.57 -26.40
CA PHE A 60 -13.03 5.70 -25.19
C PHE A 60 -11.95 4.62 -25.24
N ALA A 61 -10.77 4.88 -24.67
CA ALA A 61 -9.71 3.87 -24.65
C ALA A 61 -9.12 3.75 -23.23
N PHE A 62 -8.75 2.52 -22.85
CA PHE A 62 -8.22 2.20 -21.53
C PHE A 62 -7.02 1.27 -21.69
N ARG A 63 -6.10 1.33 -20.72
CA ARG A 63 -4.90 0.50 -20.68
C ARG A 63 -4.84 -0.32 -19.40
N THR A 64 -4.30 -1.53 -19.50
CA THR A 64 -4.33 -2.42 -18.35
C THR A 64 -3.11 -3.34 -18.33
N PHE A 65 -2.88 -3.97 -17.17
CA PHE A 65 -1.85 -5.00 -17.05
C PHE A 65 -2.47 -6.38 -17.25
N GLY A 66 -2.01 -7.09 -18.27
CA GLY A 66 -2.50 -8.42 -18.58
C GLY A 66 -1.92 -9.52 -17.71
N VAL A 67 -2.27 -9.49 -16.43
CA VAL A 67 -1.77 -10.47 -15.47
C VAL A 67 -2.75 -10.54 -14.30
N ASP A 68 -2.95 -11.76 -13.80
CA ASP A 68 -3.72 -12.00 -12.56
C ASP A 68 -5.09 -11.33 -12.60
N GLY A 69 -5.72 -11.36 -13.76
CA GLY A 69 -7.05 -10.80 -13.91
C GLY A 69 -7.12 -9.28 -13.96
N TYR A 70 -6.00 -8.57 -14.01
CA TYR A 70 -6.00 -7.11 -14.07
C TYR A 70 -6.15 -6.56 -15.49
N GLY A 71 -6.31 -7.44 -16.47
CA GLY A 71 -6.27 -7.07 -17.88
C GLY A 71 -7.61 -6.64 -18.45
N ILE A 72 -7.78 -6.89 -19.75
CA ILE A 72 -8.96 -6.42 -20.46
C ILE A 72 -10.23 -6.83 -19.73
N LYS A 73 -10.28 -8.07 -19.21
CA LYS A 73 -11.52 -8.55 -18.63
C LYS A 73 -11.95 -7.75 -17.40
N SER A 74 -11.00 -7.07 -16.72
CA SER A 74 -11.35 -6.36 -15.50
C SER A 74 -12.22 -5.14 -15.79
N LEU A 75 -12.13 -4.60 -16.99
CA LEU A 75 -13.04 -3.54 -17.41
C LEU A 75 -14.13 -4.03 -18.34
N ALA A 76 -13.85 -5.06 -19.13
CA ALA A 76 -14.82 -5.45 -20.15
C ALA A 76 -16.13 -5.87 -19.56
N GLU A 77 -16.11 -6.50 -18.39
CA GLU A 77 -17.33 -7.01 -17.77
C GLU A 77 -18.31 -5.88 -17.43
N PHE A 78 -17.81 -4.73 -17.00
CA PHE A 78 -18.69 -3.59 -16.81
C PHE A 78 -19.43 -3.26 -18.09
N PHE A 79 -18.69 -3.09 -19.19
CA PHE A 79 -19.31 -2.65 -20.44
C PHE A 79 -20.26 -3.69 -20.99
N THR A 80 -19.90 -4.99 -20.91
CA THR A 80 -20.83 -6.02 -21.37
C THR A 80 -22.05 -6.16 -20.45
N ASP A 81 -21.93 -5.82 -19.16
CA ASP A 81 -23.11 -5.71 -18.29
C ASP A 81 -24.08 -4.62 -18.81
N PHE A 82 -23.56 -3.59 -19.47
CA PHE A 82 -24.37 -2.53 -20.07
C PHE A 82 -24.43 -2.64 -21.59
N GLY A 83 -24.56 -3.88 -22.08
CA GLY A 83 -25.01 -4.13 -23.44
C GLY A 83 -23.96 -3.99 -24.52
N TYR A 84 -22.71 -3.74 -24.17
CA TYR A 84 -21.65 -3.72 -25.17
C TYR A 84 -21.31 -5.14 -25.63
N VAL A 85 -20.83 -5.21 -26.86
CA VAL A 85 -20.61 -6.46 -27.57
C VAL A 85 -19.14 -6.52 -27.94
N PRO A 86 -18.41 -7.56 -27.57
CA PRO A 86 -17.00 -7.67 -27.98
C PRO A 86 -16.87 -7.89 -29.49
N ARG A 87 -15.89 -7.21 -30.06
CA ARG A 87 -15.64 -7.30 -31.48
C ARG A 87 -14.24 -7.87 -31.75
N GLU A 88 -13.44 -7.20 -32.57
CA GLU A 88 -12.18 -7.76 -33.08
C GLU A 88 -11.05 -7.61 -32.06
N GLU A 89 -10.17 -8.61 -32.05
CA GLU A 89 -8.92 -8.54 -31.30
C GLU A 89 -7.79 -8.04 -32.19
N LEU A 90 -7.03 -7.07 -31.68
CA LEU A 90 -5.84 -6.56 -32.34
C LEU A 90 -4.60 -6.95 -31.56
N ARG A 91 -3.52 -7.28 -32.26
CA ARG A 91 -2.27 -7.66 -31.62
C ARG A 91 -1.18 -6.67 -32.01
N PHE A 92 -0.31 -6.34 -31.04
CA PHE A 92 0.79 -5.41 -31.22
C PHE A 92 2.05 -6.10 -30.73
N PRO A 93 2.68 -6.94 -31.58
CA PRO A 93 3.80 -7.76 -31.10
C PRO A 93 4.99 -6.97 -30.57
N ALA A 94 5.43 -5.90 -31.25
CA ALA A 94 6.62 -5.17 -30.82
C ALA A 94 6.42 -4.53 -29.44
N LYS A 95 5.24 -4.01 -29.18
CA LYS A 95 4.92 -3.40 -27.91
C LYS A 95 4.38 -4.39 -26.88
N LYS A 96 4.18 -5.66 -27.26
CA LYS A 96 3.74 -6.71 -26.35
C LYS A 96 2.37 -6.38 -25.77
N LEU A 97 1.44 -5.99 -26.65
CA LEU A 97 0.08 -5.63 -26.27
C LEU A 97 -0.95 -6.44 -27.04
N ARG A 98 -2.12 -6.60 -26.46
CA ARG A 98 -3.30 -7.17 -27.10
C ARG A 98 -4.42 -6.19 -26.79
N ALA A 99 -5.38 -6.05 -27.70
CA ALA A 99 -6.51 -5.15 -27.49
C ALA A 99 -7.78 -5.80 -28.04
N LEU A 100 -8.90 -5.41 -27.45
CA LEU A 100 -10.23 -5.78 -27.93
C LEU A 100 -11.07 -4.53 -27.95
N TRP A 101 -11.93 -4.39 -28.94
CA TRP A 101 -12.87 -3.29 -28.90
C TRP A 101 -14.29 -3.82 -28.79
N PHE A 102 -15.18 -2.93 -28.36
CA PHE A 102 -16.55 -3.25 -27.95
C PHE A 102 -17.47 -2.21 -28.60
N SER A 103 -18.55 -2.69 -29.24
CA SER A 103 -19.52 -1.81 -29.84
C SER A 103 -20.71 -1.66 -28.91
N PRO A 104 -21.32 -0.48 -28.88
CA PRO A 104 -22.33 -0.19 -27.84
C PRO A 104 -23.67 -0.84 -28.13
N PRO A 105 -24.53 -0.96 -27.11
CA PRO A 105 -25.92 -1.32 -27.37
C PRO A 105 -26.58 -0.28 -28.28
N THR A 106 -27.67 -0.67 -28.94
CA THR A 106 -28.46 0.28 -29.72
C THR A 106 -28.96 1.37 -28.78
N ASN A 107 -28.75 2.63 -29.17
CA ASN A 107 -29.13 3.83 -28.40
C ASN A 107 -29.54 4.89 -29.44
N ASP A 108 -30.65 4.67 -30.12
CA ASP A 108 -31.07 5.60 -31.16
C ASP A 108 -31.82 6.82 -30.63
N GLY A 109 -32.20 6.83 -29.35
CA GLY A 109 -32.95 7.95 -28.80
C GLY A 109 -32.15 8.91 -27.92
N TYR A 110 -30.83 8.88 -28.01
CA TYR A 110 -30.05 9.83 -27.23
C TYR A 110 -30.51 11.25 -27.51
N THR A 111 -30.40 12.12 -26.52
CA THR A 111 -30.88 13.49 -26.63
C THR A 111 -29.80 14.56 -26.55
N GLY A 112 -28.55 14.22 -26.32
CA GLY A 112 -27.53 15.25 -26.20
C GLY A 112 -26.23 14.98 -26.94
N THR A 113 -25.14 15.47 -26.36
CA THR A 113 -23.81 15.35 -26.93
C THR A 113 -22.85 14.82 -25.88
N GLY A 114 -21.65 14.47 -26.34
CA GLY A 114 -20.66 13.83 -25.47
C GLY A 114 -21.16 12.51 -24.91
N VAL A 115 -21.08 12.36 -23.59
CA VAL A 115 -21.56 11.10 -23.00
C VAL A 115 -23.09 10.98 -23.06
N TYR A 116 -23.80 12.07 -23.37
CA TYR A 116 -25.25 12.02 -23.59
C TYR A 116 -25.63 11.96 -25.08
N GLY A 117 -24.66 11.74 -25.95
CA GLY A 117 -24.89 11.59 -27.37
C GLY A 117 -24.80 10.13 -27.72
N PRO A 118 -24.47 9.82 -28.97
CA PRO A 118 -24.33 8.41 -29.36
C PRO A 118 -23.27 7.77 -28.48
N LEU A 119 -23.59 6.61 -27.94
CA LEU A 119 -22.68 5.98 -27.00
C LEU A 119 -21.36 5.62 -27.68
N PRO A 120 -20.24 5.78 -27.00
CA PRO A 120 -18.94 5.53 -27.65
C PRO A 120 -18.61 4.04 -27.68
N ARG A 121 -17.88 3.66 -28.73
CA ARG A 121 -17.17 2.40 -28.74
C ARG A 121 -16.16 2.41 -27.60
N ILE A 122 -15.70 1.22 -27.20
CA ILE A 122 -14.69 1.09 -26.17
C ILE A 122 -13.52 0.28 -26.71
N PHE A 123 -12.31 0.80 -26.52
CA PHE A 123 -11.07 0.15 -26.95
C PHE A 123 -10.27 -0.13 -25.67
N ILE A 124 -9.98 -1.40 -25.38
CA ILE A 124 -9.31 -1.78 -24.13
C ILE A 124 -8.09 -2.62 -24.51
N SER A 125 -6.93 -2.18 -24.09
CA SER A 125 -5.70 -2.91 -24.37
C SER A 125 -5.15 -3.46 -23.05
N GLU A 126 -4.28 -4.46 -23.17
CA GLU A 126 -3.54 -4.96 -22.02
C GLU A 126 -2.10 -5.26 -22.40
N LEU A 127 -1.20 -5.03 -21.45
CA LEU A 127 0.19 -5.43 -21.61
C LEU A 127 0.36 -6.92 -21.33
N LEU A 128 1.07 -7.61 -22.21
CA LEU A 128 1.35 -9.04 -22.05
C LEU A 128 2.56 -9.16 -21.13
N VAL A 129 2.27 -9.13 -19.82
CA VAL A 129 3.30 -8.96 -18.81
C VAL A 129 4.29 -10.11 -18.85
N ASP A 130 3.80 -11.32 -19.11
CA ASP A 130 4.68 -12.48 -19.08
C ASP A 130 5.68 -12.45 -20.22
N GLU A 131 5.60 -11.47 -21.12
CA GLU A 131 6.58 -11.34 -22.20
C GLU A 131 7.70 -10.35 -21.86
N LEU A 132 7.61 -9.66 -20.73
CA LEU A 132 8.65 -8.69 -20.38
C LEU A 132 9.79 -9.39 -19.66
N SER A 133 10.84 -8.62 -19.37
CA SER A 133 11.98 -9.13 -18.59
C SER A 133 11.51 -9.59 -17.21
N PRO A 134 12.22 -10.54 -16.60
CA PRO A 134 11.86 -10.95 -15.23
C PRO A 134 11.83 -9.79 -14.25
N GLN A 135 12.77 -8.84 -14.36
CA GLN A 135 12.79 -7.72 -13.43
C GLN A 135 11.49 -6.92 -13.49
N SER A 136 11.02 -6.56 -14.69
CA SER A 136 9.75 -5.82 -14.80
C SER A 136 8.56 -6.67 -14.40
N GLN A 137 8.58 -7.97 -14.73
CA GLN A 137 7.51 -8.82 -14.26
C GLN A 137 7.41 -8.76 -12.74
N ASP A 138 8.56 -8.71 -12.05
CA ASP A 138 8.52 -8.74 -10.60
C ASP A 138 8.04 -7.41 -10.04
N ILE A 139 8.38 -6.30 -10.70
CA ILE A 139 7.92 -5.00 -10.26
C ILE A 139 6.40 -4.92 -10.41
N ILE A 140 5.88 -5.34 -11.56
CA ILE A 140 4.45 -5.29 -11.78
C ILE A 140 3.74 -6.20 -10.80
N GLN A 141 4.28 -7.40 -10.59
CA GLN A 141 3.68 -8.35 -9.65
C GLN A 141 3.62 -7.75 -8.25
N LYS A 142 4.65 -7.00 -7.84
CA LYS A 142 4.63 -6.37 -6.51
C LYS A 142 3.43 -5.46 -6.37
N TYR A 143 3.19 -4.60 -7.36
CA TYR A 143 2.07 -3.68 -7.25
C TYR A 143 0.75 -4.41 -7.34
N ILE A 144 0.64 -5.40 -8.23
CA ILE A 144 -0.58 -6.20 -8.32
C ILE A 144 -0.90 -6.83 -6.96
N ARG A 145 0.13 -7.34 -6.26
CA ARG A 145 -0.12 -7.91 -4.93
C ARG A 145 -0.66 -6.85 -3.96
N THR A 146 -0.16 -5.61 -4.04
CA THR A 146 -0.63 -4.58 -3.12
C THR A 146 -2.09 -4.19 -3.36
N SER A 147 -2.62 -4.52 -4.52
CA SER A 147 -3.97 -4.13 -4.98
C SER A 147 -5.05 -5.09 -4.55
N GLY A 148 -4.68 -6.29 -4.12
CA GLY A 148 -5.67 -7.27 -3.71
C GLY A 148 -6.69 -7.54 -4.80
N LYS A 149 -7.97 -7.44 -4.45
CA LYS A 149 -9.05 -7.64 -5.40
C LYS A 149 -9.51 -6.34 -6.04
N GLY A 150 -8.64 -5.34 -6.10
CA GLY A 150 -8.97 -4.11 -6.82
C GLY A 150 -9.39 -4.34 -8.26
N ASN A 151 -8.90 -5.41 -8.88
CA ASN A 151 -9.25 -5.69 -10.27
C ASN A 151 -10.75 -5.97 -10.41
N LYS A 152 -11.40 -6.41 -9.35
CA LYS A 152 -12.84 -6.63 -9.41
C LYS A 152 -13.64 -5.33 -9.35
N HIS A 153 -12.99 -4.19 -9.27
CA HIS A 153 -13.69 -2.89 -9.13
C HIS A 153 -12.98 -1.85 -9.96
N ALA A 154 -12.59 -2.25 -11.17
CA ALA A 154 -11.83 -1.35 -12.03
C ALA A 154 -12.65 -0.12 -12.41
N THR A 155 -13.96 -0.27 -12.56
CA THR A 155 -14.76 0.89 -12.95
C THR A 155 -14.88 1.91 -11.83
N LEU A 156 -15.02 1.45 -10.60
CA LEU A 156 -14.94 2.34 -9.44
C LEU A 156 -13.62 3.11 -9.43
N ALA A 157 -12.51 2.40 -9.68
CA ALA A 157 -11.21 3.06 -9.78
C ALA A 157 -11.22 4.13 -10.87
N SER A 158 -11.77 3.80 -12.03
CA SER A 158 -11.76 4.74 -13.16
C SER A 158 -12.64 5.95 -12.86
N THR A 159 -13.81 5.75 -12.25
CA THR A 159 -14.68 6.89 -12.00
C THR A 159 -14.14 7.81 -10.91
N SER A 160 -13.24 7.32 -10.07
CA SER A 160 -12.80 8.13 -8.96
C SER A 160 -11.38 8.62 -9.15
N GLY A 161 -10.69 8.20 -10.21
CA GLY A 161 -9.32 8.65 -10.41
C GLY A 161 -8.31 8.03 -9.46
N GLU A 162 -8.57 6.84 -8.93
CA GLU A 162 -7.67 6.21 -7.97
C GLU A 162 -6.91 5.07 -8.63
N LEU A 163 -5.68 4.85 -8.16
CA LEU A 163 -4.95 3.61 -8.42
C LEU A 163 -5.38 2.56 -7.37
N THR A 164 -5.49 1.29 -7.78
CA THR A 164 -5.86 0.24 -6.83
C THR A 164 -4.65 -0.35 -6.10
N TRP A 165 -3.49 -0.29 -6.73
CA TRP A 165 -2.22 -0.63 -6.09
C TRP A 165 -1.64 0.54 -5.32
N GLU A 166 -0.63 0.26 -4.52
CA GLU A 166 -0.01 1.33 -3.75
C GLU A 166 0.68 2.31 -4.70
N LYS A 167 0.86 3.53 -4.22
CA LYS A 167 1.54 4.56 -5.01
C LYS A 167 2.92 4.06 -5.36
N PRO A 168 3.36 4.21 -6.60
CA PRO A 168 4.67 3.65 -7.00
C PRO A 168 5.83 4.48 -6.48
N ILE A 169 6.99 3.80 -6.30
CA ILE A 169 8.25 4.48 -6.04
C ILE A 169 8.88 4.81 -7.39
N TYR A 170 9.64 5.90 -7.41
CA TYR A 170 10.17 6.41 -8.67
C TYR A 170 11.08 5.38 -9.33
N SER A 171 11.92 4.71 -8.54
CA SER A 171 12.85 3.73 -9.10
C SER A 171 12.11 2.69 -9.93
N ASP A 172 10.93 2.28 -9.48
CA ASP A 172 10.20 1.27 -10.23
C ASP A 172 9.66 1.85 -11.53
N PHE A 173 9.12 3.06 -11.47
CA PHE A 173 8.70 3.77 -12.68
C PHE A 173 9.86 3.90 -13.66
N GLN A 174 11.04 4.22 -13.16
CA GLN A 174 12.21 4.36 -14.03
C GLN A 174 12.50 3.06 -14.76
N VAL A 175 12.52 1.93 -14.03
CA VAL A 175 12.84 0.64 -14.65
C VAL A 175 11.81 0.27 -15.72
N LEU A 176 10.53 0.46 -15.42
CA LEU A 176 9.49 0.13 -16.41
C LEU A 176 9.59 1.06 -17.61
N SER A 177 9.80 2.35 -17.37
CA SER A 177 9.90 3.30 -18.48
C SER A 177 10.94 2.88 -19.49
N ARG A 178 12.01 2.23 -19.03
CA ARG A 178 13.09 1.86 -19.94
C ARG A 178 12.76 0.65 -20.79
N GLU A 179 11.89 -0.23 -20.30
CA GLU A 179 11.52 -1.43 -21.05
C GLU A 179 10.17 -1.31 -21.75
N SER A 180 9.20 -0.66 -21.12
CA SER A 180 7.87 -0.54 -21.69
C SER A 180 7.25 0.77 -21.22
N GLU A 181 7.16 1.75 -22.13
CA GLU A 181 6.50 3.00 -21.80
C GLU A 181 5.03 2.80 -21.48
N TYR A 182 4.40 1.83 -22.13
CA TYR A 182 3.04 1.47 -21.81
C TYR A 182 2.93 1.05 -20.35
N ALA A 183 3.85 0.17 -19.91
CA ALA A 183 3.80 -0.29 -18.51
C ALA A 183 3.94 0.88 -17.56
N ALA A 184 4.85 1.81 -17.85
CA ALA A 184 5.06 2.97 -17.00
C ALA A 184 3.81 3.86 -16.95
N TRP A 185 3.19 4.10 -18.09
CA TRP A 185 1.93 4.85 -18.13
C TRP A 185 0.90 4.22 -17.20
N THR A 186 0.70 2.91 -17.31
CA THR A 186 -0.35 2.24 -16.54
C THR A 186 -0.02 2.20 -15.06
N LEU A 187 1.27 2.12 -14.69
CA LEU A 187 1.61 2.12 -13.28
C LEU A 187 1.11 3.38 -12.58
N VAL A 188 1.23 4.53 -13.24
CA VAL A 188 0.87 5.79 -12.60
C VAL A 188 -0.54 6.28 -12.97
N ASN A 189 -1.19 5.69 -13.97
CA ASN A 189 -2.54 6.12 -14.36
C ASN A 189 -3.61 5.06 -14.15
N GLY A 190 -3.25 3.77 -14.12
CA GLY A 190 -4.23 2.76 -13.84
C GLY A 190 -5.35 2.75 -14.88
N TYR A 191 -6.56 2.60 -14.40
CA TYR A 191 -7.75 2.48 -15.21
C TYR A 191 -8.34 3.82 -15.64
N ALA A 192 -7.58 4.90 -15.52
CA ALA A 192 -8.04 6.21 -15.97
C ALA A 192 -8.25 6.18 -17.48
N LEU A 193 -9.27 6.90 -17.92
CA LEU A 193 -9.50 7.02 -19.35
C LEU A 193 -8.23 7.53 -20.04
N ASN A 194 -7.75 6.76 -21.01
CA ASN A 194 -6.49 7.12 -21.69
C ASN A 194 -6.72 8.16 -22.78
N HIS A 195 -7.88 8.09 -23.45
CA HIS A 195 -8.32 9.21 -24.27
C HIS A 195 -9.78 9.03 -24.65
N THR A 196 -10.39 10.15 -24.98
CA THR A 196 -11.62 10.14 -25.76
C THR A 196 -11.25 10.58 -27.16
N THR A 197 -12.23 10.45 -28.07
CA THR A 197 -12.03 10.68 -29.50
C THR A 197 -13.20 11.47 -30.04
N ILE A 198 -12.92 12.57 -30.72
CA ILE A 198 -13.97 13.35 -31.35
C ILE A 198 -14.23 12.77 -32.72
N SER A 199 -15.51 12.50 -33.01
CA SER A 199 -15.93 12.03 -34.31
C SER A 199 -16.05 13.24 -35.23
N THR A 200 -15.02 13.50 -36.05
CA THR A 200 -15.05 14.76 -36.82
C THR A 200 -16.19 14.78 -37.83
N HIS A 201 -16.51 13.63 -38.47
CA HIS A 201 -17.54 13.62 -39.50
C HIS A 201 -18.93 13.94 -38.94
N ARG A 202 -19.12 13.89 -37.63
CA ARG A 202 -20.38 14.32 -37.02
C ARG A 202 -20.41 15.82 -36.73
N LEU A 203 -19.29 16.54 -36.92
CA LEU A 203 -19.32 17.98 -36.83
C LEU A 203 -20.01 18.56 -38.06
N ILE A 204 -20.40 19.83 -37.97
CA ILE A 204 -21.15 20.48 -39.05
C ILE A 204 -20.28 21.45 -39.85
N SER A 205 -19.36 22.17 -39.19
CA SER A 205 -18.59 23.20 -39.88
C SER A 205 -17.50 22.54 -40.73
N ASP A 206 -16.59 23.37 -41.26
CA ASP A 206 -15.56 22.87 -42.17
C ASP A 206 -14.54 21.97 -41.47
N ILE A 207 -14.43 22.03 -40.14
CA ILE A 207 -13.49 21.17 -39.46
C ILE A 207 -14.04 19.75 -39.30
N ARG A 208 -15.20 19.47 -39.90
CA ARG A 208 -15.64 18.09 -40.02
C ARG A 208 -14.69 17.26 -40.90
N SER A 209 -13.97 17.90 -41.81
CA SER A 209 -12.89 17.22 -42.51
C SER A 209 -11.65 17.17 -41.63
N ILE A 210 -11.06 15.98 -41.47
CA ILE A 210 -10.04 15.83 -40.44
C ILE A 210 -8.77 16.61 -40.78
N ASN A 211 -8.49 16.78 -42.07
CA ASN A 211 -7.31 17.57 -42.46
C ASN A 211 -7.49 19.03 -42.04
N LYS A 212 -8.70 19.54 -42.20
CA LYS A 212 -9.06 20.90 -41.74
C LYS A 212 -9.04 20.90 -40.22
N PHE A 213 -9.55 19.84 -39.58
CA PHE A 213 -9.54 19.75 -38.13
C PHE A 213 -8.12 19.82 -37.57
N ASN A 214 -7.21 19.06 -38.17
CA ASN A 214 -5.83 19.06 -37.70
C ASN A 214 -5.22 20.46 -37.76
N LYS A 215 -5.49 21.20 -38.84
CA LYS A 215 -4.92 22.55 -38.95
C LYS A 215 -5.57 23.49 -37.92
N PHE A 216 -6.85 23.32 -37.64
CA PHE A 216 -7.51 24.04 -36.55
C PHE A 216 -6.80 23.80 -35.22
N VAL A 217 -6.46 22.55 -34.90
CA VAL A 217 -5.81 22.28 -33.63
C VAL A 217 -4.42 22.89 -33.60
N GLU A 218 -3.65 22.74 -34.69
CA GLU A 218 -2.29 23.28 -34.72
C GLU A 218 -2.29 24.79 -34.69
N ASP A 219 -3.30 25.43 -35.27
CA ASP A 219 -3.31 26.89 -35.26
C ASP A 219 -3.75 27.46 -33.92
N ASN A 220 -4.34 26.65 -33.05
CA ASN A 220 -4.64 27.06 -31.68
C ASN A 220 -3.52 26.70 -30.71
N GLY A 221 -2.38 26.23 -31.21
CA GLY A 221 -1.18 26.09 -30.42
C GLY A 221 -0.86 24.71 -29.89
N PHE A 222 -1.60 23.69 -30.29
CA PHE A 222 -1.43 22.35 -29.76
C PHE A 222 -0.69 21.46 -30.77
N LYS A 223 0.08 20.53 -30.23
CA LYS A 223 0.98 19.67 -30.99
C LYS A 223 0.32 18.32 -31.26
N LEU A 224 0.27 17.87 -32.50
CA LEU A 224 -0.25 16.56 -32.83
C LEU A 224 0.86 15.50 -32.78
N ASN A 225 0.47 14.28 -32.41
CA ASN A 225 1.36 13.12 -32.52
C ASN A 225 1.96 13.04 -33.92
N SER A 226 3.29 13.08 -33.99
CA SER A 226 4.06 13.14 -35.23
C SER A 226 4.44 11.79 -35.80
N GLU A 227 4.25 10.71 -35.04
CA GLU A 227 4.85 9.43 -35.43
C GLU A 227 4.00 8.81 -36.51
N GLY A 228 4.61 8.47 -37.65
CA GLY A 228 3.83 8.01 -38.78
C GLY A 228 3.03 9.09 -39.48
N GLY A 229 3.43 10.34 -39.33
CA GLY A 229 2.66 11.46 -39.81
C GLY A 229 1.58 11.88 -38.83
N ILE A 230 1.11 13.11 -39.01
CA ILE A 230 0.07 13.59 -38.11
C ILE A 230 -1.27 12.92 -38.39
N LEU A 231 -1.44 12.34 -39.57
CA LEU A 231 -2.70 11.70 -39.95
C LEU A 231 -2.42 10.24 -40.29
N LYS A 232 -2.94 9.34 -39.46
CA LYS A 232 -2.84 7.91 -39.70
C LYS A 232 -4.03 7.47 -40.55
N VAL A 233 -3.74 6.85 -41.68
CA VAL A 233 -4.75 6.43 -42.64
C VAL A 233 -4.70 4.92 -42.78
N SER A 234 -5.89 4.34 -42.60
CA SER A 234 -6.01 2.91 -42.58
C SER A 234 -5.73 2.52 -44.00
N PRO A 235 -5.23 1.19 -44.39
CA PRO A 235 -4.91 0.71 -45.75
C PRO A 235 -6.09 0.81 -46.72
N ASP A 236 -7.33 0.68 -46.25
CA ASP A 236 -8.47 0.88 -47.13
C ASP A 236 -8.82 2.35 -47.33
N GLY A 237 -8.13 3.25 -46.63
CA GLY A 237 -8.38 4.68 -46.78
C GLY A 237 -9.56 5.23 -46.01
N LEU A 238 -10.32 4.39 -45.29
CA LEU A 238 -11.61 4.79 -44.73
C LEU A 238 -11.55 5.19 -43.26
N LEU A 239 -10.48 4.88 -42.54
CA LEU A 239 -10.34 5.28 -41.16
C LEU A 239 -9.10 6.16 -41.06
N GLN A 240 -9.30 7.42 -40.70
CA GLN A 240 -8.23 8.41 -40.63
C GLN A 240 -8.22 9.01 -39.23
N GLN A 241 -7.06 8.98 -38.57
CA GLN A 241 -7.00 9.30 -37.15
C GLN A 241 -5.81 10.21 -36.88
N SER A 242 -6.02 11.15 -35.96
CA SER A 242 -4.95 11.99 -35.43
C SER A 242 -5.15 12.12 -33.93
N SER A 243 -4.12 12.59 -33.23
CA SER A 243 -4.15 12.64 -31.76
C SER A 243 -3.18 13.70 -31.29
N THR A 244 -3.48 14.31 -30.13
CA THR A 244 -2.55 15.25 -29.53
C THR A 244 -1.45 14.47 -28.81
N VAL A 245 -0.34 15.16 -28.60
CA VAL A 245 0.65 14.71 -27.64
C VAL A 245 0.06 14.82 -26.24
N ALA A 246 0.23 13.75 -25.45
CA ALA A 246 -0.34 13.70 -24.12
C ALA A 246 0.16 14.85 -23.26
N ASP A 247 -0.72 15.31 -22.36
CA ASP A 247 -0.31 16.22 -21.31
C ASP A 247 0.65 15.52 -20.34
N SER A 248 1.46 16.34 -19.68
CA SER A 248 2.32 15.88 -18.59
C SER A 248 1.90 16.52 -17.27
N ALA A 249 2.26 15.84 -16.18
CA ALA A 249 1.93 16.30 -14.84
C ALA A 249 3.06 15.97 -13.90
N LEU A 250 3.16 16.74 -12.83
CA LEU A 250 4.09 16.42 -11.75
C LEU A 250 3.43 15.39 -10.86
N PHE A 251 4.19 14.37 -10.48
CA PHE A 251 3.70 13.30 -9.63
C PHE A 251 4.68 13.10 -8.48
N THR A 252 4.17 13.07 -7.26
CA THR A 252 5.01 12.74 -6.11
C THR A 252 4.93 11.23 -5.85
N PHE A 253 6.02 10.54 -6.13
CA PHE A 253 6.12 9.11 -5.89
C PHE A 253 6.25 8.79 -4.40
N ALA A 254 6.04 7.52 -4.07
CA ALA A 254 5.93 7.08 -2.70
C ALA A 254 7.21 7.29 -1.92
N ASP A 255 8.37 7.33 -2.58
CA ASP A 255 9.63 7.58 -1.89
C ASP A 255 9.95 9.07 -1.77
N GLY A 256 8.97 9.95 -2.04
CA GLY A 256 9.12 11.38 -1.86
C GLY A 256 9.57 12.14 -3.09
N ILE A 257 9.97 11.45 -4.15
CA ILE A 257 10.53 12.07 -5.34
C ILE A 257 9.41 12.60 -6.23
N THR A 258 9.53 13.86 -6.64
CA THR A 258 8.56 14.47 -7.54
C THR A 258 9.15 14.51 -8.94
N GLU A 259 8.46 13.91 -9.90
CA GLU A 259 8.98 13.83 -11.26
C GLU A 259 7.83 13.87 -12.24
N SER A 260 8.15 14.15 -13.50
CA SER A 260 7.13 14.30 -14.54
C SER A 260 6.59 12.95 -14.98
N ILE A 261 5.29 12.86 -15.20
CA ILE A 261 4.68 11.65 -15.75
C ILE A 261 3.74 12.03 -16.90
N PRO A 262 3.46 11.08 -17.79
CA PRO A 262 2.41 11.30 -18.79
C PRO A 262 1.00 11.09 -18.23
N ARG A 263 0.09 12.00 -18.60
CA ARG A 263 -1.33 11.76 -18.39
C ARG A 263 -1.92 11.32 -19.73
N SER A 264 -3.06 11.86 -20.11
CA SER A 264 -3.83 11.35 -21.24
C SER A 264 -3.79 12.35 -22.39
N TYR A 265 -4.46 12.00 -23.47
CA TYR A 265 -4.45 12.79 -24.68
C TYR A 265 -5.85 12.73 -25.27
N ILE A 266 -6.04 13.37 -26.41
CA ILE A 266 -7.33 13.33 -27.09
C ILE A 266 -7.09 12.98 -28.56
N GLU A 267 -7.99 12.18 -29.13
CA GLU A 267 -7.89 11.74 -30.51
C GLU A 267 -9.05 12.32 -31.32
N PHE A 268 -8.82 12.41 -32.63
CA PHE A 268 -9.80 12.84 -33.62
C PHE A 268 -9.85 11.82 -34.74
N ALA A 269 -11.05 11.41 -35.13
CA ALA A 269 -11.18 10.32 -36.08
C ALA A 269 -12.26 10.63 -37.10
N GLU A 270 -11.96 10.29 -38.34
CA GLU A 270 -12.93 10.39 -39.44
C GLU A 270 -13.15 8.99 -40.00
N ARG A 271 -14.40 8.56 -40.04
CA ARG A 271 -14.78 7.30 -40.67
C ARG A 271 -15.50 7.62 -41.97
N LEU A 272 -14.92 7.20 -43.09
CA LEU A 272 -15.49 7.49 -44.39
C LEU A 272 -16.55 6.45 -44.77
N VAL A 273 -17.40 6.83 -45.73
CA VAL A 273 -18.44 5.93 -46.19
C VAL A 273 -17.84 4.68 -46.82
N LEU A 274 -18.51 3.55 -46.62
CA LEU A 274 -18.05 2.31 -47.19
C LEU A 274 -18.30 2.28 -48.70
N PRO A 275 -17.50 1.50 -49.44
CA PRO A 275 -17.64 1.52 -50.90
C PRO A 275 -19.01 1.09 -51.40
N GLN A 276 -19.65 0.12 -50.74
CA GLN A 276 -20.98 -0.28 -51.20
C GLN A 276 -22.00 0.85 -51.10
N PHE A 277 -21.71 1.90 -50.35
CA PHE A 277 -22.58 3.07 -50.21
C PHE A 277 -21.94 4.29 -50.88
N LYS A 278 -21.08 4.04 -51.86
CA LYS A 278 -20.40 5.09 -52.59
C LYS A 278 -21.37 6.20 -53.00
N ASP A 279 -22.36 5.83 -53.81
CA ASP A 279 -23.27 6.78 -54.45
C ASP A 279 -24.37 7.28 -53.52
N LEU A 280 -24.29 6.99 -52.23
CA LEU A 280 -25.23 7.56 -51.28
C LEU A 280 -25.12 9.08 -51.30
N PRO A 281 -26.22 9.81 -51.46
CA PRO A 281 -26.17 11.27 -51.25
C PRO A 281 -25.67 11.58 -49.84
N ASN A 282 -24.71 12.50 -49.75
CA ASN A 282 -24.04 12.75 -48.48
C ASN A 282 -24.99 13.17 -47.36
N ASP A 283 -26.18 13.67 -47.67
CA ASP A 283 -27.15 13.93 -46.61
C ASP A 283 -27.72 12.62 -46.03
N GLU A 284 -27.49 11.48 -46.70
CA GLU A 284 -28.06 10.20 -46.32
C GLU A 284 -27.11 9.32 -45.51
N VAL A 285 -25.87 9.74 -45.28
CA VAL A 285 -24.90 8.87 -44.64
C VAL A 285 -25.12 8.90 -43.12
N ASN A 286 -25.27 7.71 -42.53
CA ASN A 286 -25.34 7.53 -41.09
C ASN A 286 -24.14 6.71 -40.63
N GLU A 287 -24.01 6.54 -39.31
CA GLU A 287 -22.78 5.95 -38.78
C GLU A 287 -22.61 4.53 -39.28
N HIS A 288 -23.71 3.81 -39.51
CA HIS A 288 -23.58 2.41 -39.92
C HIS A 288 -23.15 2.28 -41.39
N HIS A 289 -23.17 3.37 -42.14
CA HIS A 289 -22.68 3.37 -43.52
C HIS A 289 -21.19 3.63 -43.62
N ARG A 290 -20.52 3.83 -42.49
CA ARG A 290 -19.13 4.26 -42.43
C ARG A 290 -18.26 3.13 -41.90
N ARG A 291 -16.99 3.19 -42.25
CA ARG A 291 -16.02 2.19 -41.80
C ARG A 291 -16.04 2.10 -40.29
N ASP A 292 -16.29 0.90 -39.78
CA ASP A 292 -16.33 0.65 -38.36
C ASP A 292 -15.03 0.03 -37.88
N GLY A 293 -14.88 -0.03 -36.56
CA GLY A 293 -13.75 -0.71 -35.97
C GLY A 293 -12.48 0.10 -36.03
N PHE A 294 -11.35 -0.62 -36.04
CA PHE A 294 -10.04 -0.02 -35.81
C PHE A 294 -9.04 -0.68 -36.75
N GLU A 295 -7.80 -0.23 -36.71
CA GLU A 295 -6.79 -0.71 -37.66
C GLU A 295 -5.46 -0.80 -36.95
N VAL A 296 -4.84 -1.99 -37.02
CA VAL A 296 -3.63 -2.25 -36.26
C VAL A 296 -2.54 -1.22 -36.61
N GLY A 297 -2.36 -0.93 -37.90
CA GLY A 297 -1.35 0.03 -38.30
C GLY A 297 -1.53 1.41 -37.68
N ASN A 298 -2.75 1.95 -37.73
CA ASN A 298 -3.03 3.21 -37.07
C ASN A 298 -2.78 3.12 -35.56
N ALA A 299 -3.45 2.17 -34.91
CA ALA A 299 -3.39 2.09 -33.46
C ALA A 299 -1.95 2.01 -32.98
N ASP A 300 -1.11 1.24 -33.68
CA ASP A 300 0.28 1.07 -33.26
C ASP A 300 0.96 2.42 -33.04
N LYS A 301 0.68 3.40 -33.91
CA LYS A 301 1.35 4.68 -33.81
C LYS A 301 0.66 5.64 -32.85
N ILE A 302 -0.64 5.48 -32.66
CA ILE A 302 -1.39 6.34 -31.75
C ILE A 302 -1.02 6.01 -30.31
N PHE A 303 -0.64 4.76 -30.01
CA PHE A 303 -0.16 4.41 -28.67
C PHE A 303 0.98 5.34 -28.25
N GLU A 304 1.72 5.87 -29.20
CA GLU A 304 2.90 6.65 -28.90
C GLU A 304 2.60 8.10 -28.56
N SER A 305 1.33 8.49 -28.53
CA SER A 305 0.97 9.81 -28.05
C SER A 305 1.44 10.05 -26.63
N THR A 306 1.64 9.00 -25.85
CA THR A 306 2.10 9.15 -24.49
C THR A 306 3.59 8.88 -24.34
N SER A 307 4.29 8.60 -25.44
CA SER A 307 5.70 8.22 -25.36
C SER A 307 6.59 9.41 -25.06
N ASN A 308 7.73 9.12 -24.44
CA ASN A 308 8.61 10.21 -24.03
C ASN A 308 9.14 10.97 -25.24
N ASP A 309 9.33 10.28 -26.38
CA ASP A 309 9.85 10.97 -27.56
C ASP A 309 8.85 12.00 -28.09
N GLN A 310 7.56 11.67 -28.09
CA GLN A 310 6.57 12.67 -28.48
C GLN A 310 6.46 13.78 -27.44
N LEU A 311 6.41 13.44 -26.14
CA LEU A 311 6.23 14.48 -25.12
C LEU A 311 7.40 15.47 -25.10
N THR A 312 8.61 15.04 -25.46
CA THR A 312 9.79 15.90 -25.34
C THR A 312 10.17 16.56 -26.67
N ARG A 313 9.37 16.38 -27.72
CA ARG A 313 9.64 17.03 -29.00
C ARG A 313 9.80 18.54 -28.83
N PRO B 10 8.50 8.74 2.85
CA PRO B 10 7.94 9.83 2.05
C PRO B 10 9.01 10.87 1.78
N ALA B 11 8.64 12.15 1.76
CA ALA B 11 9.60 13.23 1.80
C ALA B 11 8.89 14.52 2.20
N ASP B 12 7.88 14.41 3.07
CA ASP B 12 7.12 15.54 3.55
C ASP B 12 8.02 16.52 4.30
N ALA B 13 7.46 17.69 4.61
CA ALA B 13 8.25 18.74 5.24
C ALA B 13 8.77 18.28 6.60
N LEU B 14 10.01 18.64 6.88
CA LEU B 14 10.60 18.40 8.18
C LEU B 14 9.79 19.11 9.27
N PRO B 15 9.73 18.55 10.49
CA PRO B 15 9.17 19.32 11.61
C PRO B 15 9.99 20.59 11.75
N LYS B 16 9.34 21.62 12.27
CA LYS B 16 9.87 22.99 12.34
C LYS B 16 11.25 22.97 12.97
N GLY B 17 11.46 22.33 14.14
CA GLY B 17 12.74 22.33 14.84
C GLY B 17 13.86 21.71 14.02
N ALA B 18 13.60 20.53 13.44
CA ALA B 18 14.62 19.89 12.61
C ALA B 18 14.96 20.73 11.38
N ASP B 19 13.95 21.40 10.79
CA ASP B 19 14.22 22.29 9.66
C ASP B 19 15.16 23.42 10.08
N SER B 20 14.86 24.08 11.18
CA SER B 20 15.72 25.19 11.61
C SER B 20 17.10 24.71 11.97
N PHE B 21 17.19 23.60 12.72
CA PHE B 21 18.48 23.07 13.12
C PHE B 21 19.32 22.67 11.90
N PHE B 22 18.71 21.98 10.93
CA PHE B 22 19.43 21.61 9.72
C PHE B 22 20.01 22.83 9.05
N ARG B 23 19.24 23.90 8.96
CA ARG B 23 19.76 25.10 8.31
C ARG B 23 20.92 25.71 9.11
N THR B 24 20.93 25.57 10.44
CA THR B 24 22.08 26.09 11.18
C THR B 24 23.33 25.27 10.90
N VAL B 25 23.18 23.97 10.65
CA VAL B 25 24.33 23.12 10.32
C VAL B 25 24.90 23.49 8.96
N ILE B 26 24.06 23.57 7.93
CA ILE B 26 24.61 23.93 6.62
C ILE B 26 25.06 25.38 6.65
N SER B 27 24.48 26.22 7.50
CA SER B 27 25.01 27.55 7.65
C SER B 27 26.45 27.51 8.17
N ASN B 28 26.75 26.62 9.11
CA ASN B 28 28.11 26.57 9.65
C ASN B 28 29.10 25.96 8.65
N MET B 29 28.65 25.00 7.84
CA MET B 29 29.48 24.51 6.72
C MET B 29 29.82 25.64 5.79
N GLU B 30 28.85 26.50 5.52
CA GLU B 30 29.07 27.65 4.65
C GLU B 30 30.03 28.64 5.26
N LYS B 31 29.97 28.81 6.57
CA LYS B 31 30.81 29.82 7.23
C LYS B 31 32.28 29.45 7.12
N VAL B 32 32.59 28.18 7.36
CA VAL B 32 33.97 27.69 7.14
C VAL B 32 34.40 27.97 5.71
N TYR B 33 33.58 27.55 4.77
CA TYR B 33 33.82 27.75 3.34
C TYR B 33 34.12 29.20 3.00
N LEU B 34 33.24 30.12 3.38
CA LEU B 34 33.47 31.52 3.07
C LEU B 34 34.75 32.03 3.73
N SER B 35 35.05 31.58 4.95
CA SER B 35 36.25 32.09 5.63
C SER B 35 37.54 31.62 4.97
N ARG B 36 37.52 30.54 4.19
CA ARG B 36 38.75 30.07 3.52
C ARG B 36 38.73 30.32 2.02
N ASN B 37 37.67 30.85 1.46
CA ASN B 37 37.54 30.97 0.00
C ASN B 37 37.09 32.38 -0.35
N PRO B 38 38.02 33.32 -0.37
CA PRO B 38 37.66 34.72 -0.58
C PRO B 38 37.02 34.95 -1.93
N THR B 39 37.42 34.18 -2.96
CA THR B 39 36.80 34.33 -4.28
C THR B 39 35.31 33.99 -4.23
N ALA B 40 34.94 32.88 -3.59
CA ALA B 40 33.53 32.54 -3.47
C ALA B 40 32.76 33.60 -2.68
N LYS B 41 33.35 34.08 -1.57
CA LYS B 41 32.73 35.12 -0.77
C LYS B 41 32.52 36.40 -1.58
N THR B 42 33.53 36.81 -2.36
CA THR B 42 33.40 38.05 -3.12
C THR B 42 32.39 37.89 -4.25
N ILE B 43 32.37 36.73 -4.92
CA ILE B 43 31.41 36.52 -6.00
C ILE B 43 29.99 36.55 -5.46
N LEU B 44 29.76 35.97 -4.28
CA LEU B 44 28.42 36.05 -3.71
C LEU B 44 28.03 37.48 -3.40
N GLU B 45 28.98 38.29 -2.90
CA GLU B 45 28.68 39.68 -2.62
C GLU B 45 28.41 40.45 -3.91
N LEU B 46 29.20 40.18 -4.93
CA LEU B 46 29.02 40.82 -6.23
C LEU B 46 27.66 40.49 -6.84
N VAL B 47 27.29 39.21 -6.85
CA VAL B 47 26.02 38.80 -7.44
C VAL B 47 24.86 39.46 -6.71
N ARG B 48 24.92 39.51 -5.40
CA ARG B 48 23.86 40.20 -4.67
C ARG B 48 23.85 41.68 -4.98
N SER B 49 25.03 42.30 -5.18
CA SER B 49 25.02 43.74 -5.44
C SER B 49 24.42 44.05 -6.81
N TYR B 50 24.52 43.11 -7.77
CA TYR B 50 23.95 43.26 -9.11
C TYR B 50 22.48 42.88 -9.16
N ASP B 51 22.14 41.73 -8.56
CA ASP B 51 20.83 41.16 -8.77
C ASP B 51 19.85 41.48 -7.67
N GLY B 52 20.32 41.89 -6.49
CA GLY B 52 19.49 41.89 -5.31
C GLY B 52 19.60 40.60 -4.53
N ASP B 53 18.79 40.52 -3.48
CA ASP B 53 18.87 39.43 -2.50
C ASP B 53 18.06 38.22 -3.00
N HIS B 54 18.61 37.54 -4.01
CA HIS B 54 17.88 36.43 -4.63
C HIS B 54 18.72 35.18 -4.80
N ILE B 55 19.84 35.06 -4.09
CA ILE B 55 20.77 33.97 -4.35
C ILE B 55 20.25 32.72 -3.66
N CYS B 56 20.05 31.64 -4.45
CA CYS B 56 19.61 30.34 -3.99
C CYS B 56 20.70 29.34 -4.33
N TYR B 57 20.88 28.33 -3.48
CA TYR B 57 21.92 27.33 -3.65
C TYR B 57 21.36 26.11 -4.36
N ASP B 58 21.88 25.81 -5.56
CA ASP B 58 21.49 24.62 -6.31
C ASP B 58 21.91 23.33 -5.61
N HIS B 59 23.16 23.27 -5.14
CA HIS B 59 23.65 22.10 -4.44
C HIS B 59 24.92 22.44 -3.70
N PHE B 60 25.20 21.64 -2.68
CA PHE B 60 26.47 21.54 -1.98
C PHE B 60 27.18 20.28 -2.44
N ALA B 61 28.53 20.28 -2.50
CA ALA B 61 29.26 19.06 -2.86
C ALA B 61 30.38 18.77 -1.88
N PHE B 62 30.67 17.48 -1.68
CA PHE B 62 31.64 17.00 -0.70
C PHE B 62 32.44 15.88 -1.35
N ARG B 63 33.66 15.68 -0.88
CA ARG B 63 34.56 14.65 -1.36
C ARG B 63 35.01 13.80 -0.19
N THR B 64 35.23 12.52 -0.47
CA THR B 64 35.53 11.56 0.59
C THR B 64 36.43 10.45 0.07
N PHE B 65 37.06 9.75 1.01
CA PHE B 65 37.81 8.51 0.72
C PHE B 65 36.88 7.31 0.88
N GLY B 66 36.67 6.57 -0.20
CA GLY B 66 35.83 5.39 -0.13
C GLY B 66 36.59 4.21 0.44
N VAL B 67 36.86 4.23 1.74
CA VAL B 67 37.54 3.09 2.37
C VAL B 67 37.19 3.11 3.86
N ASP B 68 36.94 1.91 4.39
CA ASP B 68 36.74 1.72 5.84
C ASP B 68 35.68 2.66 6.41
N GLY B 69 34.63 2.91 5.63
CA GLY B 69 33.51 3.67 6.14
C GLY B 69 33.65 5.17 6.07
N TYR B 70 34.69 5.67 5.43
CA TYR B 70 34.93 7.11 5.32
C TYR B 70 34.31 7.72 4.06
N GLY B 71 33.62 6.94 3.27
CA GLY B 71 33.13 7.39 1.97
C GLY B 71 31.78 8.07 2.04
N ILE B 72 30.99 7.90 0.98
CA ILE B 72 29.71 8.60 0.88
C ILE B 72 28.85 8.36 2.11
N LYS B 73 28.79 7.11 2.57
CA LYS B 73 27.92 6.78 3.68
C LYS B 73 28.24 7.56 4.95
N SER B 74 29.46 8.10 5.10
CA SER B 74 29.79 8.80 6.34
C SER B 74 29.10 10.16 6.44
N LEU B 75 28.75 10.75 5.31
CA LEU B 75 27.93 11.97 5.30
C LEU B 75 26.47 11.71 4.97
N ALA B 76 26.16 10.65 4.22
CA ALA B 76 24.80 10.47 3.74
C ALA B 76 23.82 10.38 4.90
N GLU B 77 24.23 9.72 5.98
CA GLU B 77 23.27 9.46 7.05
C GLU B 77 22.78 10.75 7.72
N PHE B 78 23.64 11.77 7.83
CA PHE B 78 23.18 13.04 8.38
C PHE B 78 22.08 13.62 7.49
N PHE B 79 22.30 13.64 6.19
CA PHE B 79 21.30 14.24 5.31
C PHE B 79 20.02 13.43 5.28
N THR B 80 20.08 12.10 5.29
CA THR B 80 18.86 11.25 5.28
C THR B 80 18.13 11.35 6.62
N ASP B 81 18.84 11.68 7.70
CA ASP B 81 18.24 11.92 9.04
C ASP B 81 17.36 13.17 8.96
N PHE B 82 17.66 14.12 8.09
CA PHE B 82 16.88 15.34 7.85
C PHE B 82 16.06 15.23 6.56
N GLY B 83 15.61 14.05 6.12
CA GLY B 83 14.60 14.02 5.05
C GLY B 83 15.11 13.94 3.62
N TYR B 84 16.43 13.96 3.42
CA TYR B 84 16.96 13.83 2.07
C TYR B 84 16.77 12.41 1.56
N VAL B 85 16.62 12.31 0.24
CA VAL B 85 16.34 11.06 -0.46
C VAL B 85 17.51 10.77 -1.39
N PRO B 86 18.13 9.59 -1.32
CA PRO B 86 19.19 9.27 -2.29
C PRO B 86 18.64 9.16 -3.70
N ARG B 87 19.43 9.62 -4.67
CA ARG B 87 18.94 9.65 -6.08
C ARG B 87 19.87 8.80 -6.93
N GLU B 88 20.52 9.38 -7.95
CA GLU B 88 21.24 8.61 -8.96
C GLU B 88 22.72 8.48 -8.60
N GLU B 89 23.29 7.33 -8.94
CA GLU B 89 24.73 7.13 -8.78
C GLU B 89 25.41 7.55 -10.08
N LEU B 90 26.53 8.26 -9.98
CA LEU B 90 27.37 8.57 -11.13
C LEU B 90 28.74 7.91 -10.98
N ARG B 91 29.30 7.43 -12.08
CA ARG B 91 30.60 6.78 -12.06
C ARG B 91 31.58 7.55 -12.93
N PHE B 92 32.82 7.66 -12.46
CA PHE B 92 33.90 8.38 -13.14
C PHE B 92 35.09 7.44 -13.26
N PRO B 93 35.13 6.60 -14.29
CA PRO B 93 36.18 5.59 -14.33
C PRO B 93 37.60 6.15 -14.38
N ALA B 94 37.84 7.18 -15.19
CA ALA B 94 39.20 7.69 -15.33
C ALA B 94 39.75 8.26 -14.02
N LYS B 95 38.90 8.93 -13.25
CA LYS B 95 39.30 9.50 -11.97
C LYS B 95 39.11 8.55 -10.81
N LYS B 96 38.53 7.36 -11.05
CA LYS B 96 38.34 6.36 -10.00
C LYS B 96 37.44 6.91 -8.88
N LEU B 97 36.32 7.48 -9.28
CA LEU B 97 35.37 8.07 -8.34
C LEU B 97 33.99 7.47 -8.54
N ARG B 98 33.18 7.48 -7.47
CA ARG B 98 31.76 7.16 -7.50
C ARG B 98 31.05 8.31 -6.82
N ALA B 99 29.84 8.66 -7.28
CA ALA B 99 29.12 9.76 -6.65
C ALA B 99 27.65 9.39 -6.54
N LEU B 100 26.99 9.98 -5.53
CA LEU B 100 25.57 9.83 -5.27
C LEU B 100 25.05 11.19 -4.88
N TRP B 101 23.91 11.58 -5.43
CA TRP B 101 23.29 12.84 -5.03
C TRP B 101 21.99 12.56 -4.29
N PHE B 102 21.55 13.58 -3.55
CA PHE B 102 20.42 13.49 -2.63
C PHE B 102 19.51 14.68 -2.85
N SER B 103 18.21 14.43 -2.90
CA SER B 103 17.28 15.55 -3.06
C SER B 103 16.64 15.90 -1.72
N PRO B 104 16.38 17.18 -1.47
CA PRO B 104 15.89 17.60 -0.14
C PRO B 104 14.42 17.26 0.07
N PRO B 105 13.98 17.22 1.32
CA PRO B 105 12.54 17.14 1.60
C PRO B 105 11.86 18.42 1.17
N THR B 106 10.55 18.35 1.09
CA THR B 106 9.75 19.52 0.77
C THR B 106 10.03 20.65 1.76
N ASN B 107 10.27 21.85 1.21
CA ASN B 107 10.47 23.05 2.03
C ASN B 107 9.97 24.25 1.21
N ASP B 108 8.64 24.42 1.19
CA ASP B 108 8.01 25.48 0.43
C ASP B 108 7.84 26.79 1.20
N GLY B 109 8.17 26.82 2.50
CA GLY B 109 7.92 28.01 3.31
C GLY B 109 9.17 28.73 3.77
N TYR B 110 10.30 28.50 3.11
CA TYR B 110 11.51 29.25 3.45
C TYR B 110 11.25 30.74 3.30
N THR B 111 11.92 31.51 4.14
CA THR B 111 11.70 32.95 4.19
C THR B 111 12.93 33.74 3.76
N GLY B 112 13.99 33.08 3.31
CA GLY B 112 15.21 33.82 3.03
C GLY B 112 15.98 33.32 1.82
N THR B 113 17.30 33.51 1.85
CA THR B 113 18.22 33.23 0.75
C THR B 113 19.38 32.38 1.22
N GLY B 114 20.13 31.83 0.28
CA GLY B 114 21.26 30.99 0.67
C GLY B 114 20.78 29.81 1.48
N VAL B 115 21.43 29.56 2.61
CA VAL B 115 21.01 28.45 3.46
C VAL B 115 19.65 28.66 4.09
N TYR B 116 19.08 29.86 3.99
CA TYR B 116 17.70 30.11 4.42
C TYR B 116 16.72 30.18 3.25
N GLY B 117 17.16 29.82 2.04
CA GLY B 117 16.27 29.74 0.90
C GLY B 117 15.87 28.30 0.66
N PRO B 118 15.61 27.94 -0.59
CA PRO B 118 15.32 26.54 -0.87
C PRO B 118 16.47 25.62 -0.48
N LEU B 119 16.15 24.51 0.16
CA LEU B 119 17.25 23.65 0.60
C LEU B 119 18.03 23.15 -0.61
N PRO B 120 19.35 23.00 -0.50
CA PRO B 120 20.13 22.55 -1.65
C PRO B 120 20.11 21.03 -1.80
N ARG B 121 20.28 20.61 -3.05
CA ARG B 121 20.65 19.24 -3.33
C ARG B 121 22.04 19.01 -2.77
N ILE B 122 22.35 17.74 -2.50
CA ILE B 122 23.66 17.37 -1.97
C ILE B 122 24.29 16.38 -2.95
N PHE B 123 25.52 16.66 -3.37
CA PHE B 123 26.35 15.80 -4.21
C PHE B 123 27.54 15.31 -3.39
N ILE B 124 27.62 14.00 -3.17
CA ILE B 124 28.73 13.41 -2.42
C ILE B 124 29.47 12.41 -3.31
N SER B 125 30.78 12.61 -3.47
CA SER B 125 31.64 11.68 -4.21
C SER B 125 32.60 10.98 -3.25
N GLU B 126 33.08 9.80 -3.67
CA GLU B 126 34.14 9.12 -2.95
C GLU B 126 35.17 8.60 -3.95
N LEU B 127 36.42 8.57 -3.49
CA LEU B 127 37.48 7.94 -4.27
C LEU B 127 37.45 6.44 -4.01
N LEU B 128 37.53 5.66 -5.09
CA LEU B 128 37.62 4.20 -5.03
C LEU B 128 39.06 3.78 -4.69
N VAL B 129 39.36 3.84 -3.40
CA VAL B 129 40.74 3.71 -2.93
C VAL B 129 41.34 2.37 -3.37
N ASP B 130 40.52 1.32 -3.37
CA ASP B 130 40.96 -0.01 -3.79
C ASP B 130 41.51 -0.04 -5.21
N GLU B 131 41.27 0.99 -6.03
CA GLU B 131 41.69 0.97 -7.42
C GLU B 131 43.00 1.72 -7.66
N LEU B 132 43.54 2.39 -6.65
CA LEU B 132 44.79 3.13 -6.76
C LEU B 132 45.98 2.18 -6.60
N SER B 133 47.17 2.70 -6.90
CA SER B 133 48.40 1.91 -6.72
C SER B 133 48.54 1.49 -5.26
N PRO B 134 49.27 0.39 -5.00
CA PRO B 134 49.49 -0.03 -3.61
C PRO B 134 50.08 1.06 -2.74
N GLN B 135 51.00 1.86 -3.29
CA GLN B 135 51.68 2.86 -2.49
C GLN B 135 50.74 3.98 -2.09
N SER B 136 49.85 4.40 -2.99
CA SER B 136 48.86 5.41 -2.59
C SER B 136 47.86 4.84 -1.60
N GLN B 137 47.47 3.57 -1.76
CA GLN B 137 46.54 2.97 -0.81
C GLN B 137 47.14 2.95 0.59
N ASP B 138 48.44 2.63 0.68
CA ASP B 138 49.15 2.59 1.96
C ASP B 138 49.24 3.96 2.60
N ILE B 139 49.45 5.00 1.80
CA ILE B 139 49.45 6.35 2.36
C ILE B 139 48.10 6.68 2.94
N ILE B 140 47.04 6.45 2.15
CA ILE B 140 45.70 6.78 2.63
C ILE B 140 45.36 5.96 3.86
N GLN B 141 45.68 4.66 3.84
CA GLN B 141 45.36 3.79 4.96
C GLN B 141 46.04 4.28 6.23
N LYS B 142 47.24 4.84 6.13
CA LYS B 142 47.93 5.35 7.32
C LYS B 142 47.11 6.44 8.00
N TYR B 143 46.59 7.39 7.20
CA TYR B 143 45.83 8.49 7.79
C TYR B 143 44.47 8.03 8.27
N ILE B 144 43.84 7.07 7.56
CA ILE B 144 42.54 6.56 7.99
C ILE B 144 42.66 5.92 9.36
N ARG B 145 43.72 5.15 9.59
CA ARG B 145 43.92 4.56 10.90
C ARG B 145 44.11 5.64 11.97
N THR B 146 44.83 6.71 11.66
CA THR B 146 44.99 7.75 12.67
C THR B 146 43.66 8.37 13.08
N SER B 147 42.62 8.27 12.23
CA SER B 147 41.36 8.95 12.42
C SER B 147 40.40 8.19 13.33
N GLY B 148 40.69 6.93 13.64
CA GLY B 148 39.83 6.17 14.55
C GLY B 148 38.40 6.16 14.05
N LYS B 149 37.43 6.51 14.89
CA LYS B 149 36.01 6.49 14.51
C LYS B 149 35.57 7.89 14.05
N GLY B 150 36.47 8.80 13.63
CA GLY B 150 36.09 10.09 13.08
C GLY B 150 35.09 10.01 11.93
N ASN B 151 35.02 8.88 11.22
CA ASN B 151 34.02 8.71 10.16
C ASN B 151 32.59 8.75 10.70
N LYS B 152 32.40 8.51 12.00
CA LYS B 152 31.06 8.60 12.58
C LYS B 152 30.66 10.03 12.91
N HIS B 153 31.52 11.03 12.64
CA HIS B 153 31.25 12.42 12.97
C HIS B 153 31.74 13.34 11.88
N ALA B 154 31.40 12.98 10.64
CA ALA B 154 31.86 13.74 9.49
C ALA B 154 31.21 15.12 9.44
N THR B 155 29.98 15.23 9.90
CA THR B 155 29.32 16.53 9.88
C THR B 155 29.96 17.47 10.89
N LEU B 156 30.29 16.99 12.09
CA LEU B 156 31.06 17.81 13.02
C LEU B 156 32.36 18.29 12.36
N ALA B 157 33.02 17.41 11.60
CA ALA B 157 34.25 17.80 10.92
C ALA B 157 33.97 18.89 9.87
N SER B 158 32.93 18.69 9.06
CA SER B 158 32.62 19.67 8.02
C SER B 158 32.29 21.04 8.61
N THR B 159 31.52 21.08 9.71
CA THR B 159 31.12 22.36 10.27
C THR B 159 32.24 23.07 11.00
N SER B 160 33.35 22.39 11.32
CA SER B 160 34.42 23.02 12.07
C SER B 160 35.67 23.28 11.24
N GLY B 161 35.75 22.74 10.03
CA GLY B 161 36.93 22.89 9.20
C GLY B 161 38.10 22.02 9.59
N GLU B 162 37.87 20.97 10.38
CA GLU B 162 38.93 20.15 10.94
C GLU B 162 39.05 18.85 10.17
N LEU B 163 40.28 18.32 10.08
CA LEU B 163 40.52 16.97 9.58
C LEU B 163 40.33 15.99 10.73
N THR B 164 39.78 14.80 10.43
CA THR B 164 39.64 13.79 11.48
C THR B 164 40.90 12.96 11.63
N TRP B 165 41.65 12.77 10.55
CA TRP B 165 42.97 12.16 10.62
C TRP B 165 44.01 13.20 11.05
N GLU B 166 45.19 12.72 11.42
CA GLU B 166 46.27 13.66 11.72
C GLU B 166 46.65 14.42 10.44
N LYS B 167 47.12 15.67 10.61
CA LYS B 167 47.62 16.44 9.48
C LYS B 167 48.69 15.65 8.73
N PRO B 168 48.66 15.63 7.41
CA PRO B 168 49.67 14.89 6.65
C PRO B 168 51.01 15.60 6.64
N ILE B 169 52.07 14.80 6.47
CA ILE B 169 53.35 15.39 6.11
C ILE B 169 53.31 15.78 4.63
N TYR B 170 54.16 16.74 4.29
CA TYR B 170 54.19 17.29 2.94
C TYR B 170 54.38 16.21 1.87
N SER B 171 55.39 15.34 2.05
CA SER B 171 55.72 14.38 1.01
CA SER B 171 55.73 14.37 1.00
C SER B 171 54.56 13.42 0.72
N ASP B 172 53.75 13.09 1.72
CA ASP B 172 52.60 12.21 1.48
C ASP B 172 51.57 12.89 0.57
N PHE B 173 51.35 14.19 0.80
CA PHE B 173 50.49 14.97 -0.07
C PHE B 173 51.08 15.06 -1.46
N GLN B 174 52.39 15.25 -1.58
CA GLN B 174 52.97 15.38 -2.90
C GLN B 174 52.84 14.08 -3.67
N VAL B 175 53.11 12.95 -3.01
CA VAL B 175 53.12 11.67 -3.70
C VAL B 175 51.70 11.27 -4.09
N LEU B 176 50.75 11.51 -3.18
CA LEU B 176 49.34 11.24 -3.55
C LEU B 176 48.92 12.05 -4.77
N SER B 177 49.29 13.34 -4.80
CA SER B 177 48.92 14.21 -5.92
C SER B 177 49.44 13.70 -7.25
N ARG B 178 50.58 13.01 -7.27
CA ARG B 178 51.08 12.49 -8.53
C ARG B 178 50.10 11.51 -9.16
N GLU B 179 49.38 10.77 -8.34
CA GLU B 179 48.47 9.74 -8.85
C GLU B 179 47.01 10.18 -8.84
N SER B 180 46.58 10.96 -7.86
CA SER B 180 45.18 11.39 -7.81
C SER B 180 45.10 12.76 -7.15
N GLU B 181 44.79 13.80 -7.93
CA GLU B 181 44.62 15.12 -7.32
C GLU B 181 43.39 15.17 -6.42
N TYR B 182 42.38 14.37 -6.74
CA TYR B 182 41.25 14.26 -5.84
C TYR B 182 41.69 13.77 -4.46
N ALA B 183 42.52 12.72 -4.42
CA ALA B 183 42.97 12.16 -3.16
C ALA B 183 43.74 13.19 -2.35
N ALA B 184 44.60 13.95 -3.04
CA ALA B 184 45.41 14.94 -2.35
C ALA B 184 44.54 16.08 -1.79
N TRP B 185 43.53 16.51 -2.57
CA TRP B 185 42.58 17.50 -2.08
C TRP B 185 41.91 17.01 -0.80
N THR B 186 41.46 15.76 -0.80
CA THR B 186 40.70 15.26 0.33
C THR B 186 41.59 15.08 1.56
N LEU B 187 42.87 14.75 1.35
CA LEU B 187 43.81 14.56 2.45
C LEU B 187 43.97 15.84 3.27
N VAL B 188 43.98 16.99 2.60
CA VAL B 188 44.15 18.25 3.31
C VAL B 188 42.86 19.02 3.58
N ASN B 189 41.74 18.71 2.89
CA ASN B 189 40.47 19.37 3.09
C ASN B 189 39.41 18.51 3.77
N GLY B 190 39.48 17.19 3.64
CA GLY B 190 38.53 16.36 4.36
C GLY B 190 37.09 16.60 3.92
N TYR B 191 36.22 16.69 4.91
CA TYR B 191 34.79 16.83 4.70
C TYR B 191 34.35 18.28 4.51
N ALA B 192 35.29 19.21 4.35
CA ALA B 192 34.92 20.61 4.12
C ALA B 192 34.10 20.72 2.84
N LEU B 193 33.12 21.63 2.86
CA LEU B 193 32.33 21.89 1.67
C LEU B 193 33.25 22.18 0.49
N ASN B 194 33.14 21.39 -0.56
CA ASN B 194 33.97 21.56 -1.75
C ASN B 194 33.49 22.70 -2.65
N HIS B 195 32.18 22.85 -2.80
CA HIS B 195 31.64 24.07 -3.39
C HIS B 195 30.16 24.14 -3.11
N THR B 196 29.67 25.37 -3.13
CA THR B 196 28.25 25.65 -3.30
C THR B 196 28.05 26.12 -4.74
N THR B 197 26.79 26.21 -5.14
CA THR B 197 26.39 26.46 -6.53
C THR B 197 25.25 27.45 -6.52
N ILE B 198 25.40 28.54 -7.27
CA ILE B 198 24.33 29.49 -7.44
C ILE B 198 23.39 28.98 -8.54
N SER B 199 22.11 28.97 -8.27
CA SER B 199 21.06 28.63 -9.23
C SER B 199 20.74 29.88 -10.06
N THR B 200 21.37 30.00 -11.24
CA THR B 200 21.23 31.25 -11.97
C THR B 200 19.78 31.50 -12.37
N HIS B 201 19.03 30.45 -12.69
CA HIS B 201 17.67 30.68 -13.16
C HIS B 201 16.76 31.24 -12.07
N ARG B 202 17.17 31.23 -10.80
CA ARG B 202 16.38 31.87 -9.76
C ARG B 202 16.76 33.33 -9.52
N LEU B 203 17.84 33.81 -10.16
CA LEU B 203 18.10 35.24 -10.16
C LEU B 203 17.07 35.94 -11.04
N ILE B 204 16.85 37.22 -10.79
CA ILE B 204 15.81 37.94 -11.53
C ILE B 204 16.34 38.82 -12.63
N SER B 205 17.60 39.23 -12.57
CA SER B 205 18.14 40.12 -13.60
C SER B 205 18.65 39.34 -14.82
N ASP B 206 19.28 40.04 -15.75
CA ASP B 206 19.68 39.38 -16.99
C ASP B 206 20.78 38.33 -16.78
N ILE B 207 21.49 38.35 -15.65
CA ILE B 207 22.50 37.32 -15.40
C ILE B 207 21.83 36.03 -14.91
N ARG B 208 20.50 35.97 -14.91
CA ARG B 208 19.84 34.66 -14.77
C ARG B 208 20.17 33.70 -15.93
N SER B 209 20.56 34.24 -17.08
CA SER B 209 21.10 33.45 -18.18
C SER B 209 22.58 33.21 -17.94
N ILE B 210 22.99 31.94 -17.95
CA ILE B 210 24.35 31.63 -17.48
C ILE B 210 25.41 32.21 -18.41
N ASN B 211 25.14 32.36 -19.70
CA ASN B 211 26.18 32.98 -20.53
C ASN B 211 26.45 34.42 -20.10
N LYS B 212 25.40 35.19 -19.78
CA LYS B 212 25.59 36.56 -19.29
C LYS B 212 26.20 36.57 -17.89
N PHE B 213 25.81 35.61 -17.05
CA PHE B 213 26.43 35.45 -15.75
C PHE B 213 27.95 35.27 -15.88
N ASN B 214 28.36 34.37 -16.77
CA ASN B 214 29.78 34.10 -16.94
C ASN B 214 30.54 35.33 -17.40
N LYS B 215 29.96 36.09 -18.34
CA LYS B 215 30.61 37.30 -18.82
C LYS B 215 30.72 38.34 -17.71
N PHE B 216 29.70 38.44 -16.87
CA PHE B 216 29.73 39.35 -15.73
C PHE B 216 30.84 38.98 -14.74
N VAL B 217 30.94 37.69 -14.37
CA VAL B 217 31.96 37.29 -13.42
C VAL B 217 33.34 37.53 -14.00
N GLU B 218 33.52 37.21 -15.28
CA GLU B 218 34.81 37.40 -15.90
C GLU B 218 35.16 38.88 -16.04
N ASP B 219 34.18 39.73 -16.34
CA ASP B 219 34.45 41.16 -16.44
C ASP B 219 34.88 41.77 -15.10
N ASN B 220 34.58 41.11 -13.99
CA ASN B 220 35.04 41.54 -12.68
C ASN B 220 36.30 40.84 -12.24
N GLY B 221 36.98 40.18 -13.17
CA GLY B 221 38.34 39.72 -12.91
C GLY B 221 38.47 38.30 -12.41
N PHE B 222 37.39 37.53 -12.37
CA PHE B 222 37.44 36.17 -11.86
C PHE B 222 37.64 35.17 -12.99
N LYS B 223 38.41 34.12 -12.70
CA LYS B 223 38.81 33.14 -13.71
C LYS B 223 37.95 31.89 -13.58
N LEU B 224 37.32 31.51 -14.69
CA LEU B 224 36.47 30.33 -14.74
C LEU B 224 37.29 29.13 -15.19
N ASN B 225 36.97 27.98 -14.62
CA ASN B 225 37.54 26.71 -15.06
C ASN B 225 37.31 26.52 -16.55
N SER B 226 38.40 26.29 -17.28
CA SER B 226 38.37 26.26 -18.73
C SER B 226 38.45 24.86 -19.31
N GLU B 227 38.62 23.83 -18.48
CA GLU B 227 38.73 22.48 -19.03
C GLU B 227 37.36 22.03 -19.54
N GLY B 228 37.27 21.74 -20.82
CA GLY B 228 35.99 21.46 -21.43
C GLY B 228 35.23 22.68 -21.89
N GLY B 229 35.88 23.84 -21.90
CA GLY B 229 35.21 25.10 -22.15
C GLY B 229 34.64 25.64 -20.86
N ILE B 230 34.34 26.94 -20.86
CA ILE B 230 33.93 27.55 -19.60
C ILE B 230 32.51 27.16 -19.25
N LEU B 231 31.72 26.73 -20.23
CA LEU B 231 30.34 26.33 -19.99
C LEU B 231 30.18 24.86 -20.34
N LYS B 232 29.95 24.03 -19.33
CA LYS B 232 29.60 22.63 -19.55
C LYS B 232 28.09 22.50 -19.80
N VAL B 233 27.72 21.86 -20.90
CA VAL B 233 26.32 21.67 -21.28
C VAL B 233 26.04 20.17 -21.38
N SER B 234 24.97 19.73 -20.71
CA SER B 234 24.53 18.35 -20.83
C SER B 234 24.19 17.98 -22.27
N PRO B 235 24.20 16.67 -22.59
CA PRO B 235 23.81 16.26 -23.96
C PRO B 235 22.42 16.70 -24.36
N ASP B 236 21.46 16.67 -23.42
CA ASP B 236 20.13 17.17 -23.71
C ASP B 236 20.04 18.68 -23.76
N GLY B 237 21.08 19.40 -23.35
CA GLY B 237 21.11 20.84 -23.42
C GLY B 237 20.46 21.55 -22.25
N LEU B 238 19.94 20.83 -21.27
CA LEU B 238 19.11 21.45 -20.24
C LEU B 238 19.80 21.69 -18.91
N LEU B 239 21.03 21.20 -18.72
CA LEU B 239 21.83 21.48 -17.52
C LEU B 239 23.12 22.13 -18.00
N GLN B 240 23.33 23.38 -17.60
CA GLN B 240 24.47 24.16 -18.06
C GLN B 240 25.18 24.68 -16.82
N GLN B 241 26.49 24.45 -16.77
CA GLN B 241 27.26 24.71 -15.57
C GLN B 241 28.62 25.31 -15.90
N SER B 242 29.06 26.15 -14.98
CA SER B 242 30.39 26.76 -15.02
C SER B 242 30.87 26.85 -13.58
N SER B 243 32.17 27.12 -13.39
CA SER B 243 32.72 27.21 -12.06
C SER B 243 33.99 28.03 -12.09
N THR B 244 34.34 28.58 -10.93
CA THR B 244 35.61 29.27 -10.77
C THR B 244 36.75 28.27 -10.60
N VAL B 245 37.96 28.70 -10.96
CA VAL B 245 39.17 28.02 -10.50
C VAL B 245 39.28 28.15 -8.99
N ALA B 246 39.60 27.06 -8.30
CA ALA B 246 39.59 27.06 -6.85
C ALA B 246 40.60 28.05 -6.28
N ASP B 247 40.27 28.57 -5.10
CA ASP B 247 41.24 29.31 -4.30
C ASP B 247 42.30 28.33 -3.77
N SER B 248 43.42 28.92 -3.36
CA SER B 248 44.52 28.21 -2.72
C SER B 248 44.83 28.85 -1.37
N ALA B 249 45.60 28.16 -0.54
CA ALA B 249 45.97 28.72 0.75
C ALA B 249 47.28 28.08 1.20
N LEU B 250 48.03 28.83 2.00
CA LEU B 250 49.22 28.26 2.62
C LEU B 250 48.79 27.30 3.72
N PHE B 251 49.39 26.10 3.72
CA PHE B 251 49.07 25.04 4.66
C PHE B 251 50.40 24.60 5.26
N THR B 252 50.47 24.52 6.57
CA THR B 252 51.67 24.00 7.24
C THR B 252 51.43 22.54 7.54
N PHE B 253 52.22 21.69 6.89
CA PHE B 253 52.08 20.26 7.02
C PHE B 253 52.67 19.76 8.33
N ALA B 254 52.42 18.47 8.58
CA ALA B 254 52.81 17.87 9.84
C ALA B 254 54.32 17.76 10.00
N ASP B 255 55.13 18.12 9.02
CA ASP B 255 56.57 18.12 9.24
C ASP B 255 57.10 19.56 9.30
N GLY B 256 56.20 20.53 9.36
CA GLY B 256 56.60 21.92 9.44
C GLY B 256 56.80 22.64 8.12
N ILE B 257 56.64 21.97 6.99
CA ILE B 257 56.79 22.58 5.67
C ILE B 257 55.51 23.32 5.32
N THR B 258 55.63 24.56 4.86
CA THR B 258 54.46 25.35 4.50
C THR B 258 54.42 25.51 2.99
N GLU B 259 53.30 25.10 2.39
CA GLU B 259 53.16 25.10 0.95
C GLU B 259 51.70 25.37 0.61
N SER B 260 51.49 25.88 -0.61
CA SER B 260 50.14 26.16 -1.08
C SER B 260 49.38 24.87 -1.37
N ILE B 261 48.11 24.86 -0.98
CA ILE B 261 47.22 23.73 -1.26
C ILE B 261 45.96 24.32 -1.90
N PRO B 262 45.24 23.50 -2.66
CA PRO B 262 43.92 23.97 -3.14
C PRO B 262 42.92 23.97 -2.02
N ARG B 263 42.04 24.95 -2.03
CA ARG B 263 40.82 24.98 -1.21
C ARG B 263 39.64 24.75 -2.09
N SER B 264 38.58 25.53 -2.01
CA SER B 264 37.32 25.23 -2.65
C SER B 264 37.03 26.24 -3.76
N TYR B 265 35.89 26.07 -4.41
CA TYR B 265 35.52 26.90 -5.55
C TYR B 265 34.04 27.16 -5.48
N ILE B 266 33.53 27.92 -6.42
CA ILE B 266 32.09 28.17 -6.50
C ILE B 266 31.61 27.83 -7.91
N GLU B 267 30.44 27.23 -7.99
CA GLU B 267 29.83 26.79 -9.23
C GLU B 267 28.55 27.59 -9.50
N PHE B 268 28.20 27.66 -10.78
CA PHE B 268 27.04 28.38 -11.30
C PHE B 268 26.29 27.43 -12.21
N ALA B 269 24.98 27.31 -12.03
CA ALA B 269 24.25 26.28 -12.75
C ALA B 269 22.92 26.83 -13.19
N GLU B 270 22.56 26.55 -14.42
CA GLU B 270 21.26 26.88 -14.97
C GLU B 270 20.56 25.59 -15.34
N ARG B 271 19.34 25.40 -14.85
CA ARG B 271 18.52 24.24 -15.17
C ARG B 271 17.32 24.72 -15.98
N LEU B 272 17.30 24.34 -17.25
CA LEU B 272 16.29 24.87 -18.14
C LEU B 272 14.99 24.11 -17.97
N VAL B 273 13.90 24.74 -18.40
CA VAL B 273 12.59 24.13 -18.29
C VAL B 273 12.52 22.92 -19.20
N LEU B 274 11.95 21.82 -18.70
CA LEU B 274 11.77 20.62 -19.51
C LEU B 274 10.86 20.90 -20.70
N PRO B 275 11.11 20.24 -21.84
CA PRO B 275 10.31 20.54 -23.05
C PRO B 275 8.81 20.41 -22.85
N GLN B 276 8.37 19.41 -22.09
CA GLN B 276 6.94 19.18 -21.90
C GLN B 276 6.27 20.24 -21.04
N PHE B 277 7.02 21.16 -20.43
CA PHE B 277 6.47 22.25 -19.63
C PHE B 277 6.74 23.63 -20.25
N LYS B 278 7.23 23.70 -21.48
CA LYS B 278 7.64 24.99 -22.04
C LYS B 278 6.46 25.89 -22.39
N ASP B 279 5.26 25.33 -22.50
CA ASP B 279 4.07 26.14 -22.76
C ASP B 279 3.39 26.63 -21.48
N LEU B 280 3.98 26.37 -20.32
CA LEU B 280 3.41 26.89 -19.08
C LEU B 280 3.72 28.38 -18.95
N PRO B 281 2.76 29.18 -18.48
CA PRO B 281 3.07 30.56 -18.08
C PRO B 281 4.17 30.58 -17.03
N ASN B 282 5.12 31.50 -17.20
CA ASN B 282 6.24 31.59 -16.26
C ASN B 282 5.76 31.82 -14.84
N ASP B 283 4.54 32.32 -14.66
CA ASP B 283 3.93 32.37 -13.34
C ASP B 283 3.93 30.99 -12.68
N GLU B 284 3.68 29.94 -13.47
CA GLU B 284 3.41 28.61 -12.93
C GLU B 284 4.64 27.72 -12.82
N VAL B 285 5.77 28.13 -13.39
CA VAL B 285 6.93 27.23 -13.43
C VAL B 285 7.56 27.12 -12.06
N ASN B 286 7.86 25.88 -11.63
CA ASN B 286 8.48 25.46 -10.38
C ASN B 286 9.87 24.94 -10.71
N GLU B 287 10.70 24.80 -9.68
CA GLU B 287 11.95 24.07 -9.85
C GLU B 287 11.70 22.65 -10.35
N HIS B 288 10.55 22.06 -9.98
CA HIS B 288 10.22 20.72 -10.44
C HIS B 288 9.96 20.65 -11.93
N HIS B 289 9.72 21.77 -12.60
CA HIS B 289 9.53 21.75 -14.04
C HIS B 289 10.83 21.83 -14.81
N ARG B 290 11.97 21.94 -14.12
CA ARG B 290 13.26 22.10 -14.75
C ARG B 290 14.10 20.84 -14.64
N ARG B 291 15.13 20.77 -15.47
CA ARG B 291 15.98 19.58 -15.52
C ARG B 291 16.65 19.35 -14.17
N ASP B 292 16.44 18.16 -13.61
CA ASP B 292 16.97 17.83 -12.31
C ASP B 292 18.21 16.94 -12.43
N GLY B 293 18.89 16.78 -11.33
CA GLY B 293 19.99 15.85 -11.33
C GLY B 293 21.28 16.44 -11.86
N PHE B 294 22.18 15.54 -12.26
CA PHE B 294 23.55 15.87 -12.60
C PHE B 294 23.91 15.10 -13.85
N GLU B 295 25.04 15.43 -14.46
CA GLU B 295 25.45 14.76 -15.69
C GLU B 295 26.93 14.45 -15.62
N VAL B 296 27.29 13.19 -15.91
CA VAL B 296 28.67 12.74 -15.74
C VAL B 296 29.63 13.57 -16.57
N GLY B 297 29.33 13.76 -17.86
CA GLY B 297 30.20 14.54 -18.71
C GLY B 297 30.48 15.92 -18.16
N ASN B 298 29.42 16.59 -17.68
CA ASN B 298 29.62 17.88 -17.02
C ASN B 298 30.48 17.74 -15.77
N ALA B 299 30.08 16.84 -14.87
CA ALA B 299 30.72 16.77 -13.57
C ALA B 299 32.20 16.44 -13.69
N ASP B 300 32.54 15.59 -14.66
CA ASP B 300 33.91 15.12 -14.84
C ASP B 300 34.86 16.30 -15.01
N LYS B 301 34.42 17.33 -15.74
CA LYS B 301 35.26 18.49 -15.99
C LYS B 301 35.25 19.46 -14.82
N ILE B 302 34.12 19.55 -14.10
CA ILE B 302 34.02 20.48 -12.98
C ILE B 302 34.92 20.04 -11.84
N PHE B 303 35.13 18.71 -11.69
CA PHE B 303 36.08 18.18 -10.73
C PHE B 303 37.45 18.84 -10.85
N GLU B 304 37.80 19.30 -12.03
CA GLU B 304 39.14 19.81 -12.28
C GLU B 304 39.28 21.28 -11.89
N SER B 305 38.23 21.88 -11.34
CA SER B 305 38.33 23.23 -10.79
C SER B 305 39.42 23.34 -9.72
N THR B 306 39.77 22.24 -9.05
CA THR B 306 40.81 22.22 -8.03
C THR B 306 42.14 21.66 -8.53
N SER B 307 42.25 21.38 -9.82
CA SER B 307 43.44 20.74 -10.37
C SER B 307 44.60 21.71 -10.50
N ASN B 308 45.81 21.15 -10.41
CA ASN B 308 47.01 21.98 -10.52
C ASN B 308 47.04 22.73 -11.85
N ASP B 309 46.61 22.09 -12.93
CA ASP B 309 46.65 22.73 -14.25
C ASP B 309 45.80 23.99 -14.26
N GLN B 310 44.61 23.94 -13.66
CA GLN B 310 43.76 25.14 -13.59
C GLN B 310 44.34 26.15 -12.61
N LEU B 311 44.81 25.69 -11.44
CA LEU B 311 45.25 26.64 -10.43
C LEU B 311 46.48 27.40 -10.91
N THR B 312 47.30 26.77 -11.75
CA THR B 312 48.49 27.44 -12.26
C THR B 312 48.14 28.60 -13.19
N ARG B 313 46.92 28.66 -13.70
CA ARG B 313 46.44 29.84 -14.46
C ARG B 313 46.29 31.04 -13.52
N ARG B 314 45.91 30.75 -12.25
CA ARG B 314 45.67 31.55 -11.01
C ARG B 314 44.16 31.73 -10.74
N SER B 315 43.78 31.85 -9.48
CA SER B 315 42.39 32.17 -9.07
C SER B 315 42.40 33.23 -7.98
N PRO C 10 -14.00 -36.08 30.54
CA PRO C 10 -12.98 -35.17 31.09
C PRO C 10 -13.28 -34.76 32.54
N ALA C 11 -12.28 -34.24 33.25
CA ALA C 11 -12.50 -33.78 34.62
C ALA C 11 -13.46 -32.59 34.64
N ASP C 12 -14.24 -32.49 35.72
CA ASP C 12 -15.11 -31.33 35.91
C ASP C 12 -14.30 -30.04 35.85
N ALA C 13 -15.01 -28.94 35.56
CA ALA C 13 -14.31 -27.68 35.34
C ALA C 13 -13.62 -27.23 36.63
N LEU C 14 -12.50 -26.57 36.45
CA LEU C 14 -11.74 -26.03 37.57
C LEU C 14 -12.51 -24.88 38.25
N PRO C 15 -12.32 -24.68 39.55
CA PRO C 15 -12.72 -23.41 40.18
C PRO C 15 -12.09 -22.24 39.43
N LYS C 16 -12.81 -21.13 39.46
CA LYS C 16 -12.52 -19.95 38.64
C LYS C 16 -11.08 -19.53 38.81
N GLY C 17 -10.57 -19.40 40.06
CA GLY C 17 -9.22 -18.90 40.31
C GLY C 17 -8.16 -19.82 39.75
N ALA C 18 -8.32 -21.12 39.97
CA ALA C 18 -7.37 -22.10 39.45
C ALA C 18 -7.32 -22.08 37.93
N ASP C 19 -8.45 -21.89 37.28
CA ASP C 19 -8.49 -21.85 35.83
C ASP C 19 -7.70 -20.64 35.33
N SER C 20 -7.94 -19.49 35.94
CA SER C 20 -7.23 -18.26 35.58
C SER C 20 -5.73 -18.39 35.85
N PHE C 21 -5.38 -18.91 37.01
CA PHE C 21 -3.97 -19.02 37.35
C PHE C 21 -3.24 -19.96 36.40
N PHE C 22 -3.83 -21.12 36.14
CA PHE C 22 -3.26 -22.03 35.18
C PHE C 22 -2.98 -21.34 33.85
N ARG C 23 -3.94 -20.53 33.38
CA ARG C 23 -3.69 -19.86 32.11
C ARG C 23 -2.54 -18.88 32.20
N THR C 24 -2.31 -18.24 33.36
CA THR C 24 -1.15 -17.36 33.45
C THR C 24 0.15 -18.17 33.38
N VAL C 25 0.16 -19.39 33.91
CA VAL C 25 1.37 -20.21 33.87
C VAL C 25 1.70 -20.60 32.45
N ILE C 26 0.72 -21.10 31.69
CA ILE C 26 1.06 -21.52 30.34
C ILE C 26 1.31 -20.30 29.48
N SER C 27 0.77 -19.15 29.87
CA SER C 27 1.11 -17.92 29.16
C SER C 27 2.58 -17.57 29.33
N ASN C 28 3.12 -17.81 30.51
CA ASN C 28 4.54 -17.53 30.74
C ASN C 28 5.43 -18.56 30.08
N MET C 29 4.99 -19.81 29.99
CA MET C 29 5.72 -20.77 29.16
C MET C 29 5.77 -20.28 27.74
N GLU C 30 4.63 -19.79 27.23
CA GLU C 30 4.57 -19.29 25.86
C GLU C 30 5.45 -18.05 25.68
N LYS C 31 5.49 -17.15 26.66
CA LYS C 31 6.29 -15.94 26.53
C LYS C 31 7.77 -16.29 26.32
N VAL C 32 8.29 -17.26 27.08
CA VAL C 32 9.70 -17.63 26.92
C VAL C 32 9.92 -18.23 25.54
N TYR C 33 9.06 -19.16 25.16
CA TYR C 33 9.07 -19.76 23.83
C TYR C 33 9.11 -18.70 22.74
N LEU C 34 8.19 -17.74 22.78
CA LEU C 34 8.16 -16.77 21.70
C LEU C 34 9.40 -15.90 21.71
N SER C 35 9.99 -15.66 22.90
CA SER C 35 11.15 -14.78 22.98
C SER C 35 12.36 -15.43 22.37
N ARG C 36 12.43 -16.75 22.32
CA ARG C 36 13.63 -17.45 21.79
C ARG C 36 13.38 -18.10 20.45
N ASN C 37 12.20 -17.97 19.90
CA ASN C 37 11.84 -18.66 18.67
C ASN C 37 11.17 -17.70 17.69
N PRO C 38 11.97 -16.91 16.99
CA PRO C 38 11.39 -15.91 16.08
C PRO C 38 10.48 -16.48 15.02
N THR C 39 10.80 -17.67 14.50
CA THR C 39 9.96 -18.27 13.45
C THR C 39 8.56 -18.59 13.96
N ALA C 40 8.47 -19.12 15.18
CA ALA C 40 7.14 -19.40 15.70
C ALA C 40 6.40 -18.11 15.98
N LYS C 41 7.09 -17.09 16.51
CA LYS C 41 6.43 -15.83 16.79
C LYS C 41 5.92 -15.18 15.51
N THR C 42 6.77 -15.13 14.47
CA THR C 42 6.40 -14.48 13.23
C THR C 42 5.22 -15.18 12.54
N ILE C 43 5.23 -16.52 12.55
CA ILE C 43 4.13 -17.26 11.96
C ILE C 43 2.82 -16.96 12.70
N LEU C 44 2.86 -16.97 14.03
CA LEU C 44 1.65 -16.68 14.79
C LEU C 44 1.10 -15.30 14.46
N GLU C 45 1.99 -14.30 14.31
CA GLU C 45 1.53 -12.98 13.92
C GLU C 45 0.90 -12.98 12.53
N LEU C 46 1.54 -13.68 11.58
CA LEU C 46 1.02 -13.74 10.22
C LEU C 46 -0.37 -14.36 10.18
N VAL C 47 -0.57 -15.44 10.96
CA VAL C 47 -1.88 -16.08 10.96
C VAL C 47 -2.92 -15.19 11.61
N ARG C 48 -2.57 -14.55 12.73
CA ARG C 48 -3.50 -13.64 13.38
C ARG C 48 -3.92 -12.52 12.44
N SER C 49 -2.98 -11.99 11.66
CA SER C 49 -3.33 -10.95 10.70
C SER C 49 -4.17 -11.51 9.55
N TYR C 50 -3.77 -12.67 9.03
CA TYR C 50 -4.44 -13.21 7.84
C TYR C 50 -5.84 -13.72 8.18
N ASP C 51 -5.98 -14.40 9.31
CA ASP C 51 -7.22 -15.11 9.62
C ASP C 51 -8.12 -14.35 10.59
N GLY C 52 -7.56 -13.46 11.39
CA GLY C 52 -8.30 -12.87 12.49
C GLY C 52 -7.97 -13.58 13.77
N ASP C 53 -8.68 -13.19 14.82
CA ASP C 53 -8.37 -13.61 16.19
C ASP C 53 -9.02 -14.97 16.47
N HIS C 54 -8.43 -16.02 15.88
CA HIS C 54 -8.99 -17.36 15.97
C HIS C 54 -7.94 -18.45 16.23
N ILE C 55 -6.74 -18.09 16.65
CA ILE C 55 -5.70 -19.08 16.90
C ILE C 55 -5.98 -19.81 18.21
N CYS C 56 -6.18 -21.12 18.13
CA CYS C 56 -6.30 -21.99 19.29
C CYS C 56 -5.16 -23.01 19.28
N TYR C 57 -4.72 -23.40 20.47
CA TYR C 57 -3.55 -24.28 20.63
C TYR C 57 -4.03 -25.72 20.82
N ASP C 58 -3.65 -26.58 19.88
CA ASP C 58 -4.04 -27.99 19.95
C ASP C 58 -3.35 -28.69 21.13
N HIS C 59 -2.05 -28.44 21.31
CA HIS C 59 -1.33 -29.05 22.40
C HIS C 59 0.01 -28.33 22.57
N PHE C 60 0.56 -28.45 23.79
CA PHE C 60 1.93 -28.12 24.17
C PHE C 60 2.71 -29.43 24.32
N ALA C 61 4.01 -29.41 23.99
CA ALA C 61 4.85 -30.60 24.12
C ALA C 61 6.12 -30.27 24.92
N PHE C 62 6.58 -31.25 25.70
CA PHE C 62 7.76 -31.07 26.56
C PHE C 62 8.62 -32.31 26.47
N ARG C 63 9.93 -32.13 26.68
CA ARG C 63 10.87 -33.24 26.63
C ARG C 63 11.62 -33.32 27.96
N THR C 64 11.95 -34.54 28.40
CA THR C 64 12.56 -34.73 29.71
C THR C 64 13.51 -35.93 29.68
N PHE C 65 14.38 -36.01 30.69
CA PHE C 65 15.22 -37.19 30.92
C PHE C 65 14.51 -38.16 31.87
N GLY C 66 14.27 -39.39 31.41
CA GLY C 66 13.64 -40.38 32.27
C GLY C 66 14.57 -41.06 33.26
N VAL C 67 15.01 -40.33 34.28
CA VAL C 67 15.86 -40.92 35.30
C VAL C 67 15.74 -40.05 36.53
N ASP C 68 15.82 -40.67 37.69
CA ASP C 68 15.93 -39.98 38.98
C ASP C 68 14.83 -38.94 39.16
N GLY C 69 13.65 -39.23 38.65
CA GLY C 69 12.51 -38.37 38.88
C GLY C 69 12.45 -37.14 38.01
N TYR C 70 13.35 -37.01 37.03
CA TYR C 70 13.36 -35.89 36.10
C TYR C 70 12.51 -36.11 34.85
N GLY C 71 11.81 -37.25 34.75
CA GLY C 71 11.04 -37.58 33.57
C GLY C 71 9.63 -36.99 33.53
N ILE C 72 8.73 -37.74 32.89
CA ILE C 72 7.36 -37.28 32.71
C ILE C 72 6.74 -36.80 34.01
N LYS C 73 6.91 -37.59 35.08
CA LYS C 73 6.25 -37.28 36.35
C LYS C 73 6.63 -35.93 36.92
N SER C 74 7.81 -35.36 36.55
CA SER C 74 8.21 -34.07 37.11
C SER C 74 7.35 -32.92 36.59
N LEU C 75 6.75 -33.06 35.42
CA LEU C 75 5.81 -32.07 34.91
C LEU C 75 4.36 -32.49 35.07
N ALA C 76 4.09 -33.79 35.13
CA ALA C 76 2.71 -34.27 35.13
C ALA C 76 1.92 -33.79 36.34
N GLU C 77 2.56 -33.75 37.51
CA GLU C 77 1.83 -33.39 38.72
C GLU C 77 1.24 -31.98 38.65
N PHE C 78 1.99 -31.04 38.08
CA PHE C 78 1.45 -29.69 37.91
C PHE C 78 0.15 -29.75 37.09
N PHE C 79 0.16 -30.44 35.95
CA PHE C 79 -1.03 -30.46 35.11
C PHE C 79 -2.18 -31.20 35.77
N THR C 80 -1.92 -32.29 36.48
CA THR C 80 -3.02 -32.99 37.13
C THR C 80 -3.53 -32.22 38.33
N ASP C 81 -2.69 -31.33 38.91
CA ASP C 81 -3.15 -30.44 39.97
C ASP C 81 -4.22 -29.48 39.46
N PHE C 82 -4.16 -29.14 38.17
CA PHE C 82 -5.15 -28.28 37.50
C PHE C 82 -6.05 -29.07 36.55
N GLY C 83 -6.47 -30.26 36.98
CA GLY C 83 -7.56 -30.95 36.33
C GLY C 83 -7.25 -31.77 35.11
N TYR C 84 -6.00 -31.80 34.63
CA TYR C 84 -5.67 -32.65 33.49
C TYR C 84 -5.72 -34.12 33.88
N VAL C 85 -6.06 -34.96 32.90
CA VAL C 85 -6.20 -36.39 33.10
C VAL C 85 -5.18 -37.10 32.22
N PRO C 86 -4.36 -38.01 32.75
CA PRO C 86 -3.48 -38.80 31.87
C PRO C 86 -4.25 -39.71 30.94
N ARG C 87 -3.78 -39.82 29.70
CA ARG C 87 -4.48 -40.68 28.75
C ARG C 87 -3.62 -41.90 28.42
N GLU C 88 -3.14 -42.00 27.19
CA GLU C 88 -2.48 -43.21 26.73
C GLU C 88 -0.97 -42.95 26.57
N GLU C 89 -0.18 -44.00 26.79
CA GLU C 89 1.26 -43.94 26.53
C GLU C 89 1.56 -44.15 25.05
N LEU C 90 2.64 -43.52 24.58
CA LEU C 90 3.17 -43.75 23.24
C LEU C 90 4.63 -44.18 23.39
N ARG C 91 5.02 -45.20 22.64
CA ARG C 91 6.36 -45.78 22.72
C ARG C 91 7.09 -45.59 21.40
N PHE C 92 8.37 -45.16 21.47
CA PHE C 92 9.23 -44.87 20.32
C PHE C 92 10.51 -45.70 20.44
N PRO C 93 10.53 -46.89 19.88
CA PRO C 93 11.69 -47.78 20.10
C PRO C 93 13.00 -47.20 19.61
N ALA C 94 13.02 -46.74 18.37
CA ALA C 94 14.30 -46.34 17.75
C ALA C 94 14.88 -45.14 18.48
N LYS C 95 14.03 -44.19 18.84
CA LYS C 95 14.50 -43.01 19.56
C LYS C 95 14.63 -43.23 21.07
N LYS C 96 14.27 -44.41 21.56
CA LYS C 96 14.41 -44.75 22.97
C LYS C 96 13.58 -43.83 23.86
N LEU C 97 12.33 -43.58 23.44
CA LEU C 97 11.45 -42.66 24.15
C LEU C 97 10.15 -43.32 24.58
N ARG C 98 9.54 -42.73 25.60
CA ARG C 98 8.21 -43.06 26.11
C ARG C 98 7.48 -41.73 26.23
N ALA C 99 6.20 -41.68 25.88
CA ALA C 99 5.49 -40.42 26.07
C ALA C 99 4.12 -40.71 26.67
N LEU C 100 3.55 -39.68 27.28
CA LEU C 100 2.18 -39.74 27.78
C LEU C 100 1.53 -38.41 27.46
N TRP C 101 0.27 -38.45 27.06
CA TRP C 101 -0.45 -37.22 26.83
C TRP C 101 -1.59 -37.09 27.83
N PHE C 102 -2.05 -35.85 28.02
CA PHE C 102 -3.01 -35.48 29.04
C PHE C 102 -4.10 -34.63 28.41
N SER C 103 -5.35 -34.92 28.76
CA SER C 103 -6.48 -34.11 28.28
C SER C 103 -6.88 -33.07 29.33
N PRO C 104 -7.26 -31.86 28.91
CA PRO C 104 -7.57 -30.80 29.87
C PRO C 104 -8.91 -31.04 30.55
N PRO C 105 -9.14 -30.37 31.67
CA PRO C 105 -10.46 -30.42 32.28
C PRO C 105 -11.47 -29.70 31.40
N THR C 106 -12.74 -29.90 31.72
CA THR C 106 -13.80 -29.17 31.02
C THR C 106 -13.54 -27.67 31.14
N ASN C 107 -13.60 -26.97 30.01
CA ASN C 107 -13.38 -25.51 29.96
C ASN C 107 -14.22 -25.00 28.78
N ASP C 108 -15.54 -25.07 28.96
CA ASP C 108 -16.48 -24.68 27.90
C ASP C 108 -16.79 -23.18 27.86
N GLY C 109 -16.33 -22.42 28.85
CA GLY C 109 -16.61 -21.00 28.88
C GLY C 109 -15.42 -20.09 28.63
N TYR C 110 -14.37 -20.60 27.99
CA TYR C 110 -13.24 -19.76 27.60
C TYR C 110 -13.71 -18.60 26.73
N THR C 111 -13.05 -17.46 26.87
CA THR C 111 -13.49 -16.26 26.20
C THR C 111 -12.43 -15.61 25.31
N GLY C 112 -11.31 -16.28 25.06
CA GLY C 112 -10.26 -15.67 24.28
C GLY C 112 -9.61 -16.66 23.33
N THR C 113 -8.35 -16.38 22.95
CA THR C 113 -7.58 -17.14 22.00
C THR C 113 -6.23 -17.51 22.62
N GLY C 114 -5.55 -18.44 21.96
CA GLY C 114 -4.26 -18.92 22.45
C GLY C 114 -4.43 -19.58 23.80
N VAL C 115 -3.62 -19.14 24.77
CA VAL C 115 -3.71 -19.68 26.12
C VAL C 115 -4.99 -19.28 26.83
N TYR C 116 -5.75 -18.34 26.26
CA TYR C 116 -7.07 -17.97 26.76
C TYR C 116 -8.19 -18.59 25.93
N GLY C 117 -7.85 -19.48 25.00
CA GLY C 117 -8.86 -20.20 24.25
C GLY C 117 -9.10 -21.55 24.89
N PRO C 118 -9.49 -22.53 24.09
CA PRO C 118 -9.65 -23.89 24.62
C PRO C 118 -8.33 -24.38 25.17
N LEU C 119 -8.36 -24.97 26.37
CA LEU C 119 -7.12 -25.37 27.00
C LEU C 119 -6.44 -26.43 26.13
N PRO C 120 -5.12 -26.38 25.94
CA PRO C 120 -4.46 -27.39 25.10
C PRO C 120 -4.28 -28.73 25.80
N ARG C 121 -4.20 -29.78 24.98
CA ARG C 121 -3.68 -31.05 25.45
C ARG C 121 -2.21 -30.89 25.76
N ILE C 122 -1.68 -31.79 26.58
CA ILE C 122 -0.27 -31.77 26.95
C ILE C 122 0.36 -33.08 26.51
N PHE C 123 1.49 -32.99 25.80
CA PHE C 123 2.26 -34.15 25.33
C PHE C 123 3.60 -34.10 26.04
N ILE C 124 3.92 -35.11 26.85
CA ILE C 124 5.18 -35.11 27.58
C ILE C 124 5.92 -36.39 27.26
N SER C 125 7.18 -36.27 26.82
CA SER C 125 7.98 -37.47 26.53
C SER C 125 9.18 -37.48 27.47
N GLU C 126 9.79 -38.67 27.60
CA GLU C 126 11.03 -38.81 28.35
C GLU C 126 11.94 -39.76 27.58
N LEU C 127 13.23 -39.47 27.65
CA LEU C 127 14.25 -40.37 27.12
C LEU C 127 14.49 -41.49 28.12
N LEU C 128 14.48 -42.72 27.64
CA LEU C 128 14.76 -43.89 28.48
C LEU C 128 16.29 -43.99 28.62
N VAL C 129 16.82 -43.29 29.62
CA VAL C 129 18.27 -43.16 29.78
C VAL C 129 18.93 -44.51 30.00
N ASP C 130 18.23 -45.45 30.63
CA ASP C 130 18.79 -46.79 30.85
C ASP C 130 19.16 -47.51 29.54
N GLU C 131 18.66 -47.04 28.39
CA GLU C 131 18.95 -47.69 27.11
C GLU C 131 20.15 -47.07 26.39
N LEU C 132 20.71 -46.00 26.93
CA LEU C 132 21.85 -45.37 26.29
C LEU C 132 23.17 -46.03 26.72
N SER C 133 24.22 -45.67 25.99
CA SER C 133 25.57 -46.09 26.33
C SER C 133 25.91 -45.70 27.77
N PRO C 134 26.80 -46.45 28.42
CA PRO C 134 27.29 -46.03 29.75
C PRO C 134 27.89 -44.65 29.76
N GLN C 135 28.62 -44.28 28.70
CA GLN C 135 29.19 -42.93 28.61
C GLN C 135 28.11 -41.88 28.68
N SER C 136 27.09 -42.00 27.84
CA SER C 136 26.03 -41.01 27.83
C SER C 136 25.22 -41.06 29.12
N GLN C 137 25.03 -42.25 29.70
CA GLN C 137 24.29 -42.28 30.96
C GLN C 137 25.04 -41.50 32.04
N ASP C 138 26.38 -41.60 32.04
CA ASP C 138 27.20 -40.94 33.04
C ASP C 138 27.18 -39.43 32.85
N ILE C 139 27.19 -38.97 31.60
CA ILE C 139 27.06 -37.54 31.34
C ILE C 139 25.73 -37.02 31.88
N ILE C 140 24.63 -37.69 31.55
CA ILE C 140 23.33 -37.21 32.01
C ILE C 140 23.27 -37.24 33.53
N GLN C 141 23.79 -38.32 34.14
CA GLN C 141 23.83 -38.44 35.60
C GLN C 141 24.57 -37.28 36.23
N LYS C 142 25.73 -36.92 35.67
CA LYS C 142 26.50 -35.80 36.20
C LYS C 142 25.65 -34.54 36.29
N TYR C 143 24.95 -34.20 35.20
CA TYR C 143 24.14 -32.99 35.20
C TYR C 143 22.96 -33.10 36.16
N ILE C 144 22.27 -34.25 36.15
CA ILE C 144 21.18 -34.46 37.11
C ILE C 144 21.65 -34.23 38.54
N ARG C 145 22.83 -34.70 38.88
CA ARG C 145 23.39 -34.51 40.25
C ARG C 145 23.56 -33.01 40.52
N THR C 146 23.94 -32.21 39.53
CA THR C 146 24.16 -30.78 39.79
C THR C 146 22.85 -30.04 40.04
N SER C 147 21.73 -30.63 39.64
CA SER C 147 20.40 -30.04 39.69
C SER C 147 19.71 -30.20 41.05
N GLY C 148 20.21 -31.10 41.90
CA GLY C 148 19.59 -31.29 43.21
C GLY C 148 18.08 -31.56 43.04
N LYS C 149 17.24 -30.75 43.68
CA LYS C 149 15.80 -30.97 43.68
C LYS C 149 15.09 -30.08 42.68
N GLY C 150 15.82 -29.69 41.63
CA GLY C 150 15.20 -28.95 40.55
C GLY C 150 14.04 -29.68 39.91
N ASN C 151 14.07 -31.02 39.93
CA ASN C 151 12.96 -31.79 39.37
C ASN C 151 11.63 -31.53 40.07
N LYS C 152 11.66 -30.99 41.29
CA LYS C 152 10.43 -30.72 42.02
C LYS C 152 9.82 -29.39 41.65
N HIS C 153 10.48 -28.63 40.76
CA HIS C 153 10.08 -27.29 40.34
C HIS C 153 10.27 -27.14 38.82
N ALA C 154 9.89 -28.19 38.09
CA ALA C 154 10.05 -28.20 36.64
C ALA C 154 9.21 -27.12 35.97
N THR C 155 8.01 -26.87 36.49
CA THR C 155 7.18 -25.84 35.88
C THR C 155 7.79 -24.46 36.07
N LEU C 156 8.36 -24.20 37.24
CA LEU C 156 9.07 -22.95 37.45
C LEU C 156 10.20 -22.77 36.43
N ALA C 157 10.94 -23.85 36.14
CA ALA C 157 11.99 -23.76 35.12
C ALA C 157 11.41 -23.49 33.73
N SER C 158 10.30 -24.15 33.40
CA SER C 158 9.66 -23.93 32.09
C SER C 158 9.21 -22.48 31.91
N THR C 159 8.65 -21.88 32.96
CA THR C 159 8.13 -20.51 32.85
C THR C 159 9.25 -19.47 32.84
N SER C 160 10.48 -19.86 33.17
CA SER C 160 11.57 -18.90 33.27
C SER C 160 12.66 -19.10 32.23
N GLY C 161 12.61 -20.18 31.46
CA GLY C 161 13.64 -20.45 30.48
C GLY C 161 14.95 -20.88 31.06
N GLU C 162 15.00 -21.30 32.32
CA GLU C 162 16.24 -21.66 32.98
C GLU C 162 16.44 -23.17 32.97
N LEU C 163 17.70 -23.60 33.00
CA LEU C 163 18.06 -25.00 33.24
C LEU C 163 18.20 -25.19 34.74
N THR C 164 17.81 -26.37 35.24
CA THR C 164 17.99 -26.65 36.67
C THR C 164 19.38 -27.22 36.97
N TRP C 165 20.01 -27.90 35.99
CA TRP C 165 21.39 -28.36 36.10
C TRP C 165 22.35 -27.24 35.69
N GLU C 166 23.64 -27.42 36.01
CA GLU C 166 24.65 -26.46 35.61
C GLU C 166 24.72 -26.33 34.09
N LYS C 167 25.29 -25.23 33.64
CA LYS C 167 25.40 -25.01 32.20
C LYS C 167 26.22 -26.13 31.58
N PRO C 168 25.81 -26.65 30.42
CA PRO C 168 26.53 -27.76 29.81
C PRO C 168 27.90 -27.34 29.27
N ILE C 169 28.84 -28.29 29.33
CA ILE C 169 30.10 -28.20 28.61
C ILE C 169 29.89 -28.66 27.17
N TYR C 170 30.57 -28.01 26.23
CA TYR C 170 30.29 -28.32 24.82
C TYR C 170 30.62 -29.77 24.48
N SER C 171 31.73 -30.29 25.03
CA SER C 171 32.13 -31.67 24.74
C SER C 171 31.02 -32.65 25.10
N ASP C 172 30.36 -32.44 26.23
CA ASP C 172 29.24 -33.30 26.63
C ASP C 172 28.08 -33.19 25.64
N PHE C 173 27.72 -31.97 25.25
CA PHE C 173 26.66 -31.79 24.25
C PHE C 173 27.00 -32.53 22.96
N GLN C 174 28.29 -32.54 22.58
CA GLN C 174 28.70 -33.22 21.35
C GLN C 174 28.53 -34.73 21.49
N VAL C 175 28.97 -35.30 22.61
CA VAL C 175 28.88 -36.75 22.82
C VAL C 175 27.42 -37.19 22.86
N LEU C 176 26.57 -36.45 23.57
CA LEU C 176 25.15 -36.82 23.56
C LEU C 176 24.58 -36.73 22.14
N SER C 177 24.94 -35.66 21.41
CA SER C 177 24.35 -35.41 20.12
C SER C 177 24.65 -36.51 19.13
N ARG C 178 25.79 -37.21 19.30
CA ARG C 178 26.15 -38.29 18.39
C ARG C 178 25.43 -39.60 18.71
N GLU C 179 24.86 -39.73 19.90
CA GLU C 179 24.10 -40.91 20.26
C GLU C 179 22.60 -40.69 20.27
N SER C 180 22.15 -39.48 20.64
CA SER C 180 20.73 -39.17 20.80
C SER C 180 20.56 -37.66 20.66
N GLU C 181 20.08 -37.21 19.51
CA GLU C 181 19.79 -35.80 19.36
C GLU C 181 18.75 -35.30 20.38
N TYR C 182 17.80 -36.16 20.77
CA TYR C 182 16.83 -35.79 21.80
C TYR C 182 17.53 -35.46 23.12
N ALA C 183 18.48 -36.29 23.53
CA ALA C 183 19.23 -36.04 24.75
C ALA C 183 19.97 -34.73 24.67
N ALA C 184 20.54 -34.41 23.50
CA ALA C 184 21.30 -33.16 23.41
C ALA C 184 20.37 -31.96 23.49
N TRP C 185 19.21 -32.01 22.80
CA TRP C 185 18.21 -30.94 22.90
C TRP C 185 17.83 -30.68 24.36
N THR C 186 17.52 -31.75 25.10
CA THR C 186 17.06 -31.62 26.47
C THR C 186 18.16 -31.08 27.37
N LEU C 187 19.41 -31.45 27.11
CA LEU C 187 20.50 -30.92 27.93
C LEU C 187 20.55 -29.40 27.87
N VAL C 188 20.30 -28.80 26.70
CA VAL C 188 20.46 -27.35 26.60
C VAL C 188 19.14 -26.59 26.66
N ASN C 189 17.99 -27.27 26.55
CA ASN C 189 16.69 -26.60 26.62
C ASN C 189 15.88 -26.98 27.87
N GLY C 190 16.11 -28.17 28.43
CA GLY C 190 15.43 -28.56 29.64
C GLY C 190 13.91 -28.62 29.45
N TYR C 191 13.22 -28.06 30.42
CA TYR C 191 11.76 -28.07 30.49
C TYR C 191 11.11 -26.98 29.67
N ALA C 192 11.86 -26.32 28.80
CA ALA C 192 11.24 -25.29 27.97
C ALA C 192 10.19 -25.90 27.05
N LEU C 193 9.16 -25.11 26.74
CA LEU C 193 8.17 -25.54 25.75
C LEU C 193 8.87 -25.92 24.46
N ASN C 194 8.67 -27.16 24.03
CA ASN C 194 9.30 -27.67 22.81
C ASN C 194 8.54 -27.22 21.58
N HIS C 195 7.21 -27.16 21.66
CA HIS C 195 6.45 -26.48 20.63
C HIS C 195 5.02 -26.31 21.13
N THR C 196 4.34 -25.35 20.51
CA THR C 196 2.87 -25.26 20.54
C THR C 196 2.37 -25.65 19.15
N THR C 197 1.06 -25.85 19.05
CA THR C 197 0.44 -26.36 17.84
C THR C 197 -0.79 -25.55 17.54
N ILE C 198 -0.88 -25.03 16.31
CA ILE C 198 -2.07 -24.33 15.84
C ILE C 198 -3.09 -25.34 15.37
N SER C 199 -4.34 -25.27 15.88
CA SER C 199 -5.50 -26.09 15.43
C SER C 199 -6.01 -25.42 14.17
N THR C 200 -5.66 -25.93 13.01
CA THR C 200 -6.03 -25.25 11.76
C THR C 200 -7.54 -25.29 11.57
N HIS C 201 -8.20 -26.38 12.00
CA HIS C 201 -9.62 -26.47 11.75
C HIS C 201 -10.42 -25.44 12.52
N ARG C 202 -9.80 -24.91 13.58
CA ARG C 202 -10.57 -23.76 14.25
CA ARG C 202 -10.58 -23.76 14.23
C ARG C 202 -10.33 -22.31 13.57
N LEU C 203 -9.47 -22.27 12.53
CA LEU C 203 -9.37 -21.03 11.77
C LEU C 203 -10.57 -20.90 10.85
N ILE C 204 -10.82 -19.68 10.37
CA ILE C 204 -12.02 -19.42 9.58
C ILE C 204 -11.71 -19.25 8.09
N SER C 205 -10.53 -18.76 7.73
CA SER C 205 -10.21 -18.47 6.35
C SER C 205 -9.86 -19.77 5.63
N ASP C 206 -9.41 -19.64 4.38
CA ASP C 206 -9.07 -20.80 3.57
C ASP C 206 -7.92 -21.62 4.16
N ILE C 207 -7.07 -21.03 5.00
CA ILE C 207 -5.94 -21.80 5.55
C ILE C 207 -6.40 -22.67 6.71
N ARG C 208 -7.73 -22.75 6.93
CA ARG C 208 -8.22 -23.76 7.86
C ARG C 208 -7.94 -25.17 7.35
N SER C 209 -7.72 -25.32 6.05
CA SER C 209 -7.32 -26.59 5.47
C SER C 209 -5.82 -26.72 5.54
N ILE C 210 -5.34 -27.83 6.11
CA ILE C 210 -3.91 -27.97 6.43
C ILE C 210 -3.03 -27.80 5.20
N ASN C 211 -3.48 -28.30 4.05
CA ASN C 211 -2.67 -28.22 2.85
C ASN C 211 -2.54 -26.78 2.37
N LYS C 212 -3.61 -25.99 2.48
CA LYS C 212 -3.49 -24.57 2.17
C LYS C 212 -2.68 -23.84 3.24
N PHE C 213 -2.79 -24.26 4.49
CA PHE C 213 -1.98 -23.66 5.54
C PHE C 213 -0.51 -23.88 5.26
N ASN C 214 -0.14 -25.12 4.90
CA ASN C 214 1.26 -25.40 4.60
C ASN C 214 1.77 -24.53 3.47
N LYS C 215 0.98 -24.37 2.42
CA LYS C 215 1.39 -23.50 1.31
C LYS C 215 1.56 -22.07 1.80
N PHE C 216 0.67 -21.62 2.68
CA PHE C 216 0.73 -20.25 3.19
C PHE C 216 1.99 -20.03 4.01
N VAL C 217 2.40 -21.05 4.78
CA VAL C 217 3.65 -20.94 5.54
C VAL C 217 4.84 -20.94 4.61
N GLU C 218 4.88 -21.88 3.66
CA GLU C 218 5.99 -21.95 2.71
C GLU C 218 6.05 -20.71 1.82
N ASP C 219 4.89 -20.18 1.42
CA ASP C 219 4.90 -19.02 0.52
C ASP C 219 5.48 -17.80 1.19
N ASN C 220 5.37 -17.70 2.52
CA ASN C 220 5.94 -16.59 3.26
C ASN C 220 7.34 -16.89 3.77
N GLY C 221 7.98 -17.95 3.27
CA GLY C 221 9.41 -18.11 3.38
C GLY C 221 9.92 -19.07 4.43
N PHE C 222 9.05 -19.81 5.10
CA PHE C 222 9.45 -20.66 6.20
C PHE C 222 9.47 -22.11 5.73
N LYS C 223 10.39 -22.89 6.30
CA LYS C 223 10.63 -24.25 5.84
C LYS C 223 9.97 -25.23 6.78
N LEU C 224 9.28 -26.20 6.19
CA LEU C 224 8.58 -27.22 6.93
C LEU C 224 9.47 -28.45 7.06
N ASN C 225 9.32 -29.16 8.19
CA ASN C 225 10.00 -30.44 8.39
C ASN C 225 9.63 -31.39 7.26
N SER C 226 10.64 -31.93 6.60
CA SER C 226 10.47 -32.73 5.40
C SER C 226 10.52 -34.23 5.64
N GLU C 227 10.91 -34.68 6.84
CA GLU C 227 11.14 -36.11 7.04
C GLU C 227 9.79 -36.80 7.16
N GLY C 228 9.54 -37.76 6.25
CA GLY C 228 8.24 -38.37 6.15
C GLY C 228 7.21 -37.57 5.38
N GLY C 229 7.65 -36.66 4.51
CA GLY C 229 6.76 -35.71 3.88
C GLY C 229 6.42 -34.52 4.77
N ILE C 230 6.03 -33.42 4.14
CA ILE C 230 5.70 -32.24 4.94
C ILE C 230 4.40 -32.44 5.71
N LEU C 231 3.52 -33.33 5.25
CA LEU C 231 2.25 -33.57 5.92
C LEU C 231 2.22 -35.02 6.41
N LYS C 232 2.22 -35.20 7.72
CA LYS C 232 2.07 -36.50 8.35
C LYS C 232 0.58 -36.78 8.52
N VAL C 233 0.11 -37.86 7.91
CA VAL C 233 -1.29 -38.24 7.98
C VAL C 233 -1.40 -39.57 8.70
N SER C 234 -2.21 -39.61 9.76
CA SER C 234 -2.38 -40.84 10.52
C SER C 234 -2.99 -41.93 9.65
N PRO C 235 -2.81 -43.20 10.05
CA PRO C 235 -3.37 -44.30 9.24
C PRO C 235 -4.87 -44.20 9.07
N ASP C 236 -5.61 -43.73 10.07
CA ASP C 236 -7.05 -43.60 9.89
C ASP C 236 -7.44 -42.36 9.08
N GLY C 237 -6.47 -41.49 8.76
CA GLY C 237 -6.69 -40.31 7.95
C GLY C 237 -7.18 -39.09 8.69
N LEU C 238 -7.44 -39.19 9.99
CA LEU C 238 -8.18 -38.15 10.70
C LEU C 238 -7.28 -37.19 11.45
N LEU C 239 -5.99 -37.47 11.61
CA LEU C 239 -5.05 -36.57 12.26
C LEU C 239 -3.94 -36.25 11.27
N GLN C 240 -3.78 -34.97 10.94
CA GLN C 240 -2.85 -34.52 9.91
C GLN C 240 -2.03 -33.39 10.51
N GLN C 241 -0.71 -33.52 10.44
CA GLN C 241 0.19 -32.66 11.20
C GLN C 241 1.37 -32.23 10.33
N SER C 242 1.79 -30.99 10.51
CA SER C 242 2.97 -30.45 9.85
C SER C 242 3.74 -29.65 10.88
N SER C 243 5.02 -29.38 10.60
CA SER C 243 5.88 -28.75 11.59
C SER C 243 6.93 -27.92 10.87
N THR C 244 7.35 -26.83 11.52
CA THR C 244 8.47 -26.08 10.98
C THR C 244 9.77 -26.76 11.39
N VAL C 245 10.84 -26.47 10.66
CA VAL C 245 12.18 -26.80 11.15
C VAL C 245 12.51 -25.86 12.31
N ALA C 246 13.09 -26.41 13.37
CA ALA C 246 13.30 -25.63 14.59
C ALA C 246 14.22 -24.44 14.32
N ASP C 247 13.99 -23.36 15.05
CA ASP C 247 14.97 -22.29 15.11
C ASP C 247 16.24 -22.78 15.80
N SER C 248 17.30 -22.00 15.66
CA SER C 248 18.60 -22.29 16.26
C SER C 248 19.09 -21.02 16.95
N ALA C 249 20.11 -21.16 17.79
CA ALA C 249 20.65 -20.00 18.48
C ALA C 249 22.06 -20.31 18.94
N LEU C 250 22.85 -19.24 19.11
CA LEU C 250 24.18 -19.38 19.71
C LEU C 250 24.05 -19.57 21.21
N PHE C 251 24.71 -20.60 21.74
CA PHE C 251 24.70 -20.94 23.16
C PHE C 251 26.16 -20.91 23.64
N THR C 252 26.42 -20.18 24.72
CA THR C 252 27.75 -20.19 25.33
C THR C 252 27.78 -21.30 26.38
N PHE C 253 28.57 -22.33 26.13
CA PHE C 253 28.70 -23.44 27.06
C PHE C 253 29.62 -23.07 28.22
N ALA C 254 29.75 -23.98 29.18
CA ALA C 254 30.44 -23.66 30.42
C ALA C 254 31.92 -23.44 30.20
N ASP C 255 32.47 -23.94 29.09
CA ASP C 255 33.90 -23.83 28.86
C ASP C 255 34.26 -22.62 27.99
N GLY C 256 33.34 -21.66 27.88
CA GLY C 256 33.55 -20.48 27.08
C GLY C 256 33.26 -20.66 25.60
N ILE C 257 33.06 -21.89 25.13
CA ILE C 257 32.78 -22.12 23.73
C ILE C 257 31.34 -21.71 23.43
N THR C 258 31.16 -21.03 22.30
CA THR C 258 29.85 -20.57 21.84
C THR C 258 29.55 -21.28 20.54
N GLU C 259 28.48 -22.06 20.52
CA GLU C 259 28.13 -22.84 19.34
C GLU C 259 26.61 -22.86 19.22
N SER C 260 26.16 -23.19 18.03
CA SER C 260 24.74 -23.19 17.72
C SER C 260 24.06 -24.41 18.33
N ILE C 261 22.87 -24.19 18.89
CA ILE C 261 22.07 -25.26 19.46
C ILE C 261 20.69 -25.16 18.82
N PRO C 262 19.93 -26.26 18.74
CA PRO C 262 18.52 -26.15 18.34
C PRO C 262 17.67 -25.57 19.47
N ARG C 263 16.71 -24.76 19.10
CA ARG C 263 15.66 -24.29 20.03
C ARG C 263 14.40 -25.02 19.70
N SER C 264 13.24 -24.35 19.59
CA SER C 264 11.97 -25.03 19.44
C SER C 264 11.38 -24.78 18.06
N TYR C 265 10.19 -25.35 17.82
CA TYR C 265 9.52 -25.19 16.53
C TYR C 265 8.04 -24.96 16.79
N ILE C 266 7.26 -24.87 15.72
CA ILE C 266 5.81 -24.73 15.84
C ILE C 266 5.18 -25.80 14.94
N GLU C 267 4.09 -26.40 15.41
CA GLU C 267 3.35 -27.42 14.67
C GLU C 267 1.95 -26.90 14.28
N PHE C 268 1.39 -27.53 13.24
CA PHE C 268 0.07 -27.24 12.70
C PHE C 268 -0.66 -28.56 12.59
N ALA C 269 -1.90 -28.58 13.04
CA ALA C 269 -2.61 -29.86 13.11
C ALA C 269 -4.06 -29.67 12.71
N GLU C 270 -4.56 -30.62 11.94
CA GLU C 270 -5.97 -30.67 11.58
C GLU C 270 -6.53 -31.98 12.12
N ARG C 271 -7.64 -31.89 12.82
CA ARG C 271 -8.33 -33.06 13.34
C ARG C 271 -9.68 -33.14 12.64
N LEU C 272 -9.88 -34.22 11.88
CA LEU C 272 -11.09 -34.38 11.09
C LEU C 272 -12.22 -34.97 11.94
N VAL C 273 -13.44 -34.77 11.47
CA VAL C 273 -14.61 -35.23 12.20
C VAL C 273 -14.59 -36.75 12.29
N LEU C 274 -15.02 -37.26 13.44
CA LEU C 274 -15.19 -38.70 13.60
C LEU C 274 -16.41 -39.16 12.79
N PRO C 275 -16.34 -40.33 12.16
CA PRO C 275 -17.46 -40.77 11.30
C PRO C 275 -18.85 -40.72 11.96
N GLN C 276 -18.98 -41.13 13.22
CA GLN C 276 -20.30 -41.14 13.85
C GLN C 276 -20.94 -39.76 13.88
N PHE C 277 -20.14 -38.69 13.81
CA PHE C 277 -20.64 -37.33 13.76
C PHE C 277 -20.58 -36.74 12.35
N LYS C 278 -20.49 -37.59 11.32
CA LYS C 278 -20.41 -37.16 9.92
C LYS C 278 -21.57 -36.24 9.54
N ASP C 279 -22.77 -36.52 10.06
CA ASP C 279 -23.98 -35.84 9.61
C ASP C 279 -24.28 -34.58 10.40
N LEU C 280 -23.35 -34.13 11.24
CA LEU C 280 -23.52 -32.85 11.92
C LEU C 280 -23.16 -31.73 10.95
N PRO C 281 -23.96 -30.66 10.89
CA PRO C 281 -23.58 -29.53 10.02
C PRO C 281 -22.21 -29.01 10.41
N ASN C 282 -21.47 -28.55 9.39
CA ASN C 282 -20.09 -28.16 9.56
C ASN C 282 -19.91 -27.16 10.70
N ASP C 283 -20.89 -26.26 10.88
CA ASP C 283 -20.77 -25.22 11.89
C ASP C 283 -21.14 -25.68 13.30
N GLU C 284 -21.57 -26.94 13.47
CA GLU C 284 -21.88 -27.47 14.78
C GLU C 284 -20.87 -28.51 15.25
N VAL C 285 -19.83 -28.79 14.47
CA VAL C 285 -18.80 -29.72 14.88
C VAL C 285 -17.90 -29.03 15.90
N ASN C 286 -17.79 -29.61 17.09
CA ASN C 286 -16.92 -29.12 18.15
C ASN C 286 -15.76 -30.09 18.34
N GLU C 287 -14.82 -29.70 19.21
CA GLU C 287 -13.60 -30.47 19.34
C GLU C 287 -13.88 -31.91 19.75
N HIS C 288 -14.90 -32.12 20.58
CA HIS C 288 -15.16 -33.47 21.07
C HIS C 288 -15.75 -34.36 20.00
N HIS C 289 -16.15 -33.78 18.87
CA HIS C 289 -16.61 -34.55 17.72
C HIS C 289 -15.50 -34.97 16.78
N ARG C 290 -14.26 -34.56 17.04
CA ARG C 290 -13.14 -34.80 16.16
C ARG C 290 -12.15 -35.81 16.73
N ARG C 291 -11.36 -36.39 15.83
CA ARG C 291 -10.29 -37.27 16.24
C ARG C 291 -9.47 -36.67 17.39
N ASP C 292 -9.38 -37.41 18.48
CA ASP C 292 -8.59 -36.96 19.63
C ASP C 292 -7.27 -37.72 19.65
N GLY C 293 -6.42 -37.35 20.58
CA GLY C 293 -5.19 -38.10 20.78
C GLY C 293 -4.13 -37.79 19.74
N PHE C 294 -3.22 -38.74 19.61
CA PHE C 294 -2.02 -38.57 18.81
C PHE C 294 -1.84 -39.79 17.93
N GLU C 295 -0.70 -39.91 17.25
CA GLU C 295 -0.42 -41.03 16.35
C GLU C 295 1.07 -41.31 16.40
N VAL C 296 1.44 -42.52 16.81
CA VAL C 296 2.84 -42.84 17.07
C VAL C 296 3.69 -42.59 15.82
N GLY C 297 3.22 -43.05 14.66
CA GLY C 297 3.97 -42.79 13.42
C GLY C 297 4.12 -41.32 13.08
N ASN C 298 3.09 -40.51 13.32
CA ASN C 298 3.21 -39.07 13.07
C ASN C 298 4.25 -38.45 14.01
N ALA C 299 4.09 -38.71 15.32
CA ALA C 299 4.98 -38.13 16.33
C ALA C 299 6.43 -38.50 16.08
N ASP C 300 6.68 -39.74 15.68
CA ASP C 300 8.06 -40.20 15.45
C ASP C 300 8.80 -39.28 14.52
N LYS C 301 8.13 -38.83 13.46
CA LYS C 301 8.74 -37.97 12.43
C LYS C 301 8.75 -36.50 12.87
N ILE C 302 7.78 -36.05 13.63
CA ILE C 302 7.77 -34.66 14.07
C ILE C 302 8.90 -34.39 15.07
N PHE C 303 9.28 -35.39 15.87
CA PHE C 303 10.43 -35.27 16.76
C PHE C 303 11.66 -34.75 16.02
N GLU C 304 11.73 -35.03 14.72
CA GLU C 304 12.94 -34.69 13.98
C GLU C 304 12.95 -33.23 13.51
N SER C 305 11.96 -32.44 13.91
CA SER C 305 11.99 -31.02 13.55
C SER C 305 13.19 -30.30 14.17
N THR C 306 13.77 -30.86 15.23
CA THR C 306 14.95 -30.29 15.86
C THR C 306 16.24 -31.01 15.47
N SER C 307 16.17 -31.98 14.57
CA SER C 307 17.35 -32.76 14.19
C SER C 307 18.31 -31.92 13.35
N ASN C 308 19.59 -32.25 13.47
CA ASN C 308 20.58 -31.46 12.74
C ASN C 308 20.37 -31.57 11.23
N ASP C 309 19.94 -32.74 10.75
CA ASP C 309 19.75 -32.91 9.32
C ASP C 309 18.65 -31.97 8.81
N GLN C 310 17.59 -31.78 9.58
CA GLN C 310 16.60 -30.79 9.19
C GLN C 310 17.11 -29.38 9.41
N LEU C 311 17.84 -29.14 10.50
CA LEU C 311 18.34 -27.79 10.76
C LEU C 311 19.38 -27.38 9.73
N THR C 312 20.12 -28.34 9.16
CA THR C 312 21.14 -28.00 8.16
C THR C 312 20.51 -27.42 6.90
N ARG C 313 19.25 -27.77 6.60
CA ARG C 313 18.58 -27.23 5.42
C ARG C 313 18.50 -25.71 5.47
N ARG C 314 18.64 -25.12 6.65
CA ARG C 314 18.50 -23.68 6.82
C ARG C 314 19.84 -22.96 6.65
N PRO D 10 1.71 -8.31 10.52
CA PRO D 10 1.17 -7.21 9.70
C PRO D 10 -0.05 -6.52 10.34
N ALA D 11 0.12 -5.26 10.76
CA ALA D 11 -0.92 -4.55 11.49
C ALA D 11 -2.22 -4.43 10.69
N ASP D 12 -2.16 -4.61 9.37
CA ASP D 12 -3.36 -4.57 8.53
C ASP D 12 -3.39 -5.83 7.66
N ALA D 13 -4.57 -6.46 7.58
CA ALA D 13 -4.71 -7.66 6.76
C ALA D 13 -4.79 -7.30 5.28
N LEU D 14 -5.45 -6.21 4.97
CA LEU D 14 -5.51 -5.75 3.59
C LEU D 14 -4.15 -5.25 3.16
N PRO D 15 -3.70 -5.62 1.96
CA PRO D 15 -2.50 -4.98 1.39
C PRO D 15 -2.73 -3.47 1.28
N LYS D 16 -1.64 -2.73 1.11
CA LYS D 16 -1.67 -1.29 1.30
C LYS D 16 -2.50 -0.60 0.21
N GLY D 17 -2.43 -1.10 -1.01
CA GLY D 17 -3.23 -0.51 -2.08
C GLY D 17 -4.71 -0.75 -1.87
N ALA D 18 -5.07 -1.99 -1.53
CA ALA D 18 -6.46 -2.29 -1.28
C ALA D 18 -7.01 -1.48 -0.10
N ASP D 19 -6.22 -1.31 0.96
CA ASP D 19 -6.65 -0.52 2.10
C ASP D 19 -6.91 0.93 1.69
N SER D 20 -5.96 1.55 1.00
CA SER D 20 -6.13 2.94 0.57
C SER D 20 -7.32 3.05 -0.36
N PHE D 21 -7.47 2.11 -1.28
CA PHE D 21 -8.55 2.17 -2.28
C PHE D 21 -9.92 2.01 -1.62
N PHE D 22 -10.07 1.00 -0.77
CA PHE D 22 -11.30 0.82 -0.01
C PHE D 22 -11.69 2.07 0.74
N ARG D 23 -10.73 2.74 1.37
CA ARG D 23 -11.05 3.95 2.12
C ARG D 23 -11.49 5.08 1.20
N THR D 24 -10.96 5.17 -0.03
CA THR D 24 -11.50 6.19 -0.94
C THR D 24 -12.94 5.89 -1.33
N VAL D 25 -13.33 4.62 -1.40
CA VAL D 25 -14.68 4.27 -1.80
C VAL D 25 -15.66 4.64 -0.69
N ILE D 26 -15.34 4.26 0.55
CA ILE D 26 -16.24 4.61 1.63
C ILE D 26 -16.19 6.11 1.86
N SER D 27 -15.07 6.76 1.55
CA SER D 27 -15.05 8.21 1.61
C SER D 27 -16.05 8.83 0.62
N ASN D 28 -16.13 8.27 -0.59
CA ASN D 28 -17.07 8.79 -1.57
C ASN D 28 -18.52 8.50 -1.17
N MET D 29 -18.76 7.36 -0.52
CA MET D 29 -20.12 7.09 -0.04
C MET D 29 -20.54 8.13 0.99
N GLU D 30 -19.61 8.46 1.90
CA GLU D 30 -19.79 9.48 2.90
C GLU D 30 -19.97 10.86 2.30
N LYS D 31 -19.27 11.16 1.22
CA LYS D 31 -19.36 12.48 0.56
C LYS D 31 -20.80 12.73 0.08
N VAL D 32 -21.39 11.75 -0.59
CA VAL D 32 -22.79 11.86 -1.04
C VAL D 32 -23.70 12.03 0.16
N TYR D 33 -23.51 11.17 1.17
CA TYR D 33 -24.30 11.26 2.40
C TYR D 33 -24.23 12.65 3.03
N LEU D 34 -23.04 13.19 3.23
CA LEU D 34 -22.97 14.50 3.87
C LEU D 34 -23.59 15.60 3.00
N SER D 35 -23.44 15.51 1.66
CA SER D 35 -23.99 16.54 0.78
C SER D 35 -25.52 16.55 0.79
N ARG D 36 -26.17 15.42 1.07
CA ARG D 36 -27.63 15.38 1.07
C ARG D 36 -28.26 15.34 2.45
N ASN D 37 -27.48 15.37 3.51
CA ASN D 37 -28.01 15.20 4.87
C ASN D 37 -27.40 16.24 5.78
N PRO D 38 -27.93 17.46 5.75
CA PRO D 38 -27.33 18.54 6.56
C PRO D 38 -27.32 18.26 8.04
N THR D 39 -28.27 17.49 8.56
CA THR D 39 -28.29 17.23 9.99
C THR D 39 -27.12 16.37 10.41
N ALA D 40 -26.86 15.30 9.65
CA ALA D 40 -25.70 14.46 9.94
C ALA D 40 -24.41 15.23 9.78
N LYS D 41 -24.35 16.10 8.79
CA LYS D 41 -23.14 16.92 8.54
C LYS D 41 -22.90 17.86 9.72
N THR D 42 -23.93 18.53 10.18
CA THR D 42 -23.75 19.50 11.26
C THR D 42 -23.41 18.81 12.58
N ILE D 43 -24.03 17.65 12.86
CA ILE D 43 -23.74 16.97 14.11
C ILE D 43 -22.30 16.48 14.12
N LEU D 44 -21.81 15.95 13.00
CA LEU D 44 -20.42 15.54 12.94
C LEU D 44 -19.49 16.72 13.18
N GLU D 45 -19.84 17.89 12.66
CA GLU D 45 -19.01 19.06 12.90
C GLU D 45 -19.09 19.50 14.34
N LEU D 46 -20.29 19.43 14.94
CA LEU D 46 -20.44 19.84 16.33
C LEU D 46 -19.63 18.93 17.26
N VAL D 47 -19.68 17.62 17.02
CA VAL D 47 -18.96 16.68 17.89
C VAL D 47 -17.47 16.90 17.78
N ARG D 48 -16.97 17.07 16.55
CA ARG D 48 -15.55 17.34 16.34
C ARG D 48 -15.10 18.57 17.13
N SER D 49 -15.90 19.65 17.08
CA SER D 49 -15.53 20.87 17.77
C SER D 49 -15.59 20.67 19.28
N TYR D 50 -16.53 19.87 19.77
CA TYR D 50 -16.71 19.71 21.22
C TYR D 50 -15.73 18.72 21.81
N ASP D 51 -15.54 17.59 21.13
CA ASP D 51 -14.74 16.51 21.68
C ASP D 51 -13.29 16.50 21.18
N GLY D 52 -13.01 17.11 20.04
CA GLY D 52 -11.71 16.93 19.42
C GLY D 52 -11.80 15.90 18.33
N ASP D 53 -10.63 15.54 17.79
CA ASP D 53 -10.56 14.73 16.57
C ASP D 53 -10.54 13.25 16.92
N HIS D 54 -11.72 12.74 17.29
CA HIS D 54 -11.81 11.39 17.81
C HIS D 54 -13.04 10.63 17.31
N ILE D 55 -13.65 11.07 16.22
CA ILE D 55 -14.86 10.44 15.70
C ILE D 55 -14.47 9.14 14.99
N CYS D 56 -14.99 8.02 15.48
CA CYS D 56 -14.83 6.70 14.89
C CYS D 56 -16.21 6.24 14.47
N TYR D 57 -16.32 5.57 13.33
CA TYR D 57 -17.60 5.10 12.82
C TYR D 57 -17.83 3.66 13.27
N ASP D 58 -18.89 3.45 14.03
CA ASP D 58 -19.22 2.10 14.47
C ASP D 58 -19.58 1.22 13.30
N HIS D 59 -20.47 1.69 12.40
CA HIS D 59 -20.93 0.89 11.28
C HIS D 59 -21.57 1.81 10.25
N PHE D 60 -21.62 1.31 9.03
CA PHE D 60 -22.36 1.90 7.93
C PHE D 60 -23.56 0.98 7.71
N ALA D 61 -24.69 1.52 7.25
CA ALA D 61 -25.87 0.71 6.95
C ALA D 61 -26.43 1.06 5.56
N PHE D 62 -26.99 0.04 4.91
CA PHE D 62 -27.54 0.11 3.57
C PHE D 62 -28.83 -0.68 3.50
N ARG D 63 -29.70 -0.27 2.58
CA ARG D 63 -31.00 -0.91 2.37
C ARG D 63 -31.14 -1.33 0.92
N THR D 64 -31.79 -2.47 0.70
CA THR D 64 -31.86 -3.03 -0.63
C THR D 64 -33.20 -3.76 -0.84
N PHE D 65 -33.47 -4.06 -2.11
CA PHE D 65 -34.65 -4.84 -2.53
C PHE D 65 -34.22 -6.30 -2.69
N GLY D 66 -34.73 -7.17 -1.83
CA GLY D 66 -34.37 -8.58 -1.91
C GLY D 66 -35.09 -9.37 -3.00
N VAL D 67 -34.78 -9.06 -4.25
CA VAL D 67 -35.38 -9.76 -5.40
C VAL D 67 -34.42 -9.64 -6.58
N ASP D 68 -34.29 -10.75 -7.32
CA ASP D 68 -33.55 -10.77 -8.58
C ASP D 68 -32.11 -10.26 -8.43
N GLY D 69 -31.47 -10.59 -7.31
CA GLY D 69 -30.07 -10.23 -7.12
C GLY D 69 -29.82 -8.81 -6.68
N TYR D 70 -30.85 -8.03 -6.40
CA TYR D 70 -30.68 -6.65 -5.97
C TYR D 70 -30.49 -6.52 -4.46
N GLY D 71 -30.54 -7.61 -3.70
CA GLY D 71 -30.55 -7.52 -2.25
C GLY D 71 -29.17 -7.48 -1.64
N ILE D 72 -29.04 -8.08 -0.46
CA ILE D 72 -27.81 -7.98 0.32
C ILE D 72 -26.58 -8.33 -0.52
N LYS D 73 -26.67 -9.39 -1.33
CA LYS D 73 -25.49 -9.85 -2.05
C LYS D 73 -24.99 -8.86 -3.09
N SER D 74 -25.81 -7.89 -3.51
CA SER D 74 -25.34 -6.92 -4.50
C SER D 74 -24.33 -5.97 -3.91
N LEU D 75 -24.37 -5.74 -2.61
CA LEU D 75 -23.35 -4.93 -1.94
C LEU D 75 -22.34 -5.77 -1.17
N ALA D 76 -22.75 -6.94 -0.71
CA ALA D 76 -21.89 -7.70 0.18
C ALA D 76 -20.61 -8.09 -0.51
N GLU D 77 -20.66 -8.38 -1.82
CA GLU D 77 -19.47 -8.90 -2.49
C GLU D 77 -18.34 -7.87 -2.51
N PHE D 78 -18.68 -6.58 -2.65
CA PHE D 78 -17.65 -5.54 -2.57
C PHE D 78 -16.94 -5.62 -1.22
N PHE D 79 -17.68 -5.67 -0.13
CA PHE D 79 -17.02 -5.69 1.17
C PHE D 79 -16.24 -6.97 1.38
N THR D 80 -16.77 -8.12 0.96
CA THR D 80 -15.99 -9.34 1.16
C THR D 80 -14.75 -9.36 0.26
N ASP D 81 -14.80 -8.67 -0.88
CA ASP D 81 -13.59 -8.52 -1.70
C ASP D 81 -12.50 -7.78 -0.94
N PHE D 82 -12.87 -6.93 0.03
CA PHE D 82 -11.89 -6.18 0.81
C PHE D 82 -11.81 -6.72 2.24
N GLY D 83 -12.00 -8.04 2.38
CA GLY D 83 -11.68 -8.75 3.59
C GLY D 83 -12.73 -8.72 4.69
N TYR D 84 -13.91 -8.13 4.47
CA TYR D 84 -14.98 -8.26 5.42
C TYR D 84 -15.49 -9.69 5.48
N VAL D 85 -15.99 -10.06 6.66
CA VAL D 85 -16.45 -11.40 6.94
C VAL D 85 -17.91 -11.33 7.36
N PRO D 86 -18.81 -12.11 6.77
CA PRO D 86 -20.20 -12.16 7.25
C PRO D 86 -20.28 -12.80 8.62
N ARG D 87 -21.07 -12.20 9.51
CA ARG D 87 -21.07 -12.66 10.90
C ARG D 87 -22.39 -13.29 11.33
N GLU D 88 -23.51 -12.58 11.21
CA GLU D 88 -24.77 -13.09 11.73
C GLU D 88 -25.89 -12.52 10.88
N GLU D 89 -26.96 -13.29 10.76
CA GLU D 89 -28.18 -12.85 10.11
C GLU D 89 -29.23 -12.43 11.15
N LEU D 90 -29.90 -11.31 10.89
CA LEU D 90 -31.02 -10.84 11.71
C LEU D 90 -32.29 -10.83 10.85
N ARG D 91 -33.41 -11.21 11.44
CA ARG D 91 -34.70 -11.18 10.74
C ARG D 91 -35.69 -10.25 11.44
N PHE D 92 -36.54 -9.59 10.62
CA PHE D 92 -37.51 -8.60 11.07
C PHE D 92 -38.86 -8.99 10.49
N PRO D 93 -39.59 -9.91 11.13
CA PRO D 93 -40.80 -10.46 10.49
C PRO D 93 -41.86 -9.40 10.21
N ALA D 94 -42.05 -8.46 11.12
CA ALA D 94 -43.13 -7.50 10.94
C ALA D 94 -42.83 -6.56 9.79
N LYS D 95 -41.57 -6.24 9.56
CA LYS D 95 -41.25 -5.35 8.46
C LYS D 95 -40.84 -6.12 7.23
N LYS D 96 -40.81 -7.46 7.29
CA LYS D 96 -40.49 -8.30 6.16
C LYS D 96 -39.08 -8.01 5.65
N LEU D 97 -38.11 -8.00 6.60
CA LEU D 97 -36.73 -7.70 6.30
C LEU D 97 -35.81 -8.82 6.79
N ARG D 98 -34.63 -8.87 6.19
CA ARG D 98 -33.55 -9.82 6.49
C ARG D 98 -32.30 -8.94 6.49
N ALA D 99 -31.41 -9.12 7.43
CA ALA D 99 -30.18 -8.37 7.43
C ALA D 99 -28.98 -9.27 7.73
N LEU D 100 -27.83 -8.89 7.18
CA LEU D 100 -26.57 -9.51 7.55
C LEU D 100 -25.61 -8.41 7.98
N TRP D 101 -24.76 -8.69 8.98
CA TRP D 101 -23.72 -7.73 9.31
C TRP D 101 -22.37 -8.39 9.11
N PHE D 102 -21.37 -7.53 8.87
CA PHE D 102 -20.04 -7.93 8.41
C PHE D 102 -18.99 -7.23 9.27
N SER D 103 -17.97 -7.98 9.70
CA SER D 103 -16.90 -7.33 10.43
C SER D 103 -15.70 -7.08 9.50
N PRO D 104 -14.97 -5.99 9.74
CA PRO D 104 -13.84 -5.63 8.86
C PRO D 104 -12.65 -6.57 9.04
N PRO D 105 -11.73 -6.59 8.08
CA PRO D 105 -10.46 -7.29 8.28
C PRO D 105 -9.65 -6.59 9.36
N THR D 106 -8.67 -7.31 9.92
CA THR D 106 -7.76 -6.69 10.88
C THR D 106 -7.19 -5.40 10.32
N ASN D 107 -7.32 -4.30 11.09
CA ASN D 107 -6.79 -2.99 10.68
C ASN D 107 -6.40 -2.23 11.95
N ASP D 108 -5.09 -2.17 12.22
CA ASP D 108 -4.59 -1.49 13.40
C ASP D 108 -3.72 -0.29 13.05
N GLY D 109 -3.32 -0.16 11.79
CA GLY D 109 -2.42 0.89 11.37
C GLY D 109 -3.09 2.14 10.85
N TYR D 110 -4.39 2.32 11.12
CA TYR D 110 -5.10 3.52 10.68
C TYR D 110 -4.48 4.75 11.36
N THR D 111 -4.37 5.83 10.58
CA THR D 111 -3.71 7.04 11.05
C THR D 111 -4.68 8.18 11.29
N GLY D 112 -5.98 7.96 11.13
CA GLY D 112 -6.91 9.06 11.24
C GLY D 112 -8.24 8.76 11.88
N THR D 113 -9.29 9.49 11.49
CA THR D 113 -10.65 9.38 12.05
C THR D 113 -11.68 9.23 10.91
N GLY D 114 -12.92 8.91 11.26
CA GLY D 114 -14.02 8.69 10.31
C GLY D 114 -13.66 7.57 9.34
N VAL D 115 -13.57 7.84 8.03
CA VAL D 115 -13.24 6.80 7.06
C VAL D 115 -11.76 6.47 7.11
N TYR D 116 -10.95 7.31 7.77
CA TYR D 116 -9.53 7.03 7.93
C TYR D 116 -9.21 6.53 9.34
N GLY D 117 -10.23 6.21 10.12
CA GLY D 117 -10.06 5.65 11.44
C GLY D 117 -10.27 4.15 11.40
N PRO D 118 -10.71 3.56 12.52
CA PRO D 118 -11.02 2.13 12.51
C PRO D 118 -12.06 1.81 11.45
N LEU D 119 -11.83 0.76 10.67
CA LEU D 119 -12.80 0.41 9.64
C LEU D 119 -14.16 0.11 10.28
N PRO D 120 -15.26 0.54 9.68
CA PRO D 120 -16.57 0.26 10.27
C PRO D 120 -17.10 -1.12 9.94
N ARG D 121 -17.92 -1.64 10.84
CA ARG D 121 -18.78 -2.77 10.53
C ARG D 121 -19.75 -2.32 9.45
N ILE D 122 -20.34 -3.30 8.78
CA ILE D 122 -21.31 -3.05 7.72
C ILE D 122 -22.57 -3.82 8.03
N PHE D 123 -23.70 -3.15 7.97
CA PHE D 123 -25.02 -3.71 8.21
C PHE D 123 -25.81 -3.53 6.92
N ILE D 124 -26.21 -4.63 6.29
CA ILE D 124 -26.91 -4.58 5.00
C ILE D 124 -28.22 -5.33 5.19
N SER D 125 -29.33 -4.67 4.89
CA SER D 125 -30.64 -5.29 4.99
C SER D 125 -31.25 -5.38 3.60
N GLU D 126 -32.21 -6.30 3.45
CA GLU D 126 -33.01 -6.34 2.23
C GLU D 126 -34.47 -6.53 2.60
N LEU D 127 -35.35 -5.92 1.81
CA LEU D 127 -36.78 -6.22 1.87
C LEU D 127 -37.07 -7.56 1.20
N LEU D 128 -37.82 -8.44 1.88
CA LEU D 128 -38.18 -9.76 1.35
C LEU D 128 -39.40 -9.57 0.44
N VAL D 129 -39.12 -9.17 -0.80
CA VAL D 129 -40.16 -8.68 -1.70
C VAL D 129 -41.26 -9.71 -1.92
N ASP D 130 -40.90 -10.99 -1.94
CA ASP D 130 -41.85 -12.07 -2.16
C ASP D 130 -42.89 -12.18 -1.05
N GLU D 131 -42.70 -11.50 0.08
CA GLU D 131 -43.70 -11.50 1.13
C GLU D 131 -44.68 -10.34 1.02
N LEU D 132 -44.45 -9.39 0.11
CA LEU D 132 -45.39 -8.29 -0.05
C LEU D 132 -46.63 -8.68 -0.86
N SER D 133 -47.60 -7.77 -0.90
CA SER D 133 -48.75 -7.99 -1.76
C SER D 133 -48.32 -8.12 -3.22
N PRO D 134 -49.12 -8.81 -4.03
CA PRO D 134 -48.77 -8.95 -5.46
C PRO D 134 -48.63 -7.63 -6.18
N GLN D 135 -49.48 -6.64 -5.86
CA GLN D 135 -49.41 -5.34 -6.51
C GLN D 135 -48.10 -4.63 -6.17
N SER D 136 -47.67 -4.66 -4.90
CA SER D 136 -46.40 -4.03 -4.58
C SER D 136 -45.22 -4.81 -5.15
N GLN D 137 -45.31 -6.14 -5.18
CA GLN D 137 -44.27 -6.89 -5.88
C GLN D 137 -44.17 -6.44 -7.33
N ASP D 138 -45.32 -6.22 -7.98
CA ASP D 138 -45.28 -5.89 -9.41
C ASP D 138 -44.72 -4.48 -9.62
N ILE D 139 -45.05 -3.53 -8.74
CA ILE D 139 -44.47 -2.19 -8.81
C ILE D 139 -42.94 -2.26 -8.66
N ILE D 140 -42.45 -3.00 -7.70
CA ILE D 140 -41.01 -3.08 -7.48
C ILE D 140 -40.35 -3.77 -8.69
N GLN D 141 -40.97 -4.85 -9.19
CA GLN D 141 -40.46 -5.55 -10.35
C GLN D 141 -40.33 -4.64 -11.56
N LYS D 142 -41.26 -3.70 -11.71
CA LYS D 142 -41.18 -2.79 -12.84
C LYS D 142 -39.87 -1.98 -12.82
N TYR D 143 -39.52 -1.43 -11.65
CA TYR D 143 -38.26 -0.69 -11.48
C TYR D 143 -37.07 -1.60 -11.63
N ILE D 144 -37.13 -2.79 -11.01
CA ILE D 144 -36.02 -3.74 -11.12
C ILE D 144 -35.67 -4.01 -12.58
N ARG D 145 -36.68 -4.26 -13.40
CA ARG D 145 -36.43 -4.53 -14.81
C ARG D 145 -35.82 -3.33 -15.51
N THR D 146 -36.17 -2.10 -15.13
CA THR D 146 -35.61 -0.96 -15.84
C THR D 146 -34.12 -0.77 -15.52
N SER D 147 -33.63 -1.40 -14.45
CA SER D 147 -32.28 -1.30 -13.96
C SER D 147 -31.32 -2.27 -14.63
N GLY D 148 -31.82 -3.28 -15.34
CA GLY D 148 -30.94 -4.16 -16.10
C GLY D 148 -29.98 -4.86 -15.14
N LYS D 149 -28.68 -4.82 -15.45
CA LYS D 149 -27.68 -5.39 -14.56
C LYS D 149 -27.02 -4.36 -13.65
N GLY D 150 -27.73 -3.30 -13.29
CA GLY D 150 -27.24 -2.36 -12.31
C GLY D 150 -26.95 -2.94 -10.92
N ASN D 151 -27.61 -4.05 -10.54
CA ASN D 151 -27.25 -4.75 -9.29
C ASN D 151 -25.80 -5.22 -9.27
N LYS D 152 -25.15 -5.34 -10.42
CA LYS D 152 -23.77 -5.80 -10.47
C LYS D 152 -22.79 -4.67 -10.18
N HIS D 153 -23.32 -3.45 -9.94
CA HIS D 153 -22.51 -2.23 -9.79
C HIS D 153 -23.12 -1.34 -8.72
N ALA D 154 -23.58 -1.95 -7.64
CA ALA D 154 -24.23 -1.23 -6.56
C ALA D 154 -23.29 -0.24 -5.90
N THR D 155 -22.00 -0.57 -5.81
CA THR D 155 -21.08 0.32 -5.12
C THR D 155 -20.83 1.56 -5.96
N LEU D 156 -20.77 1.38 -7.26
CA LEU D 156 -20.71 2.52 -8.17
C LEU D 156 -21.92 3.45 -7.96
N ALA D 157 -23.12 2.86 -7.84
CA ALA D 157 -24.33 3.65 -7.57
C ALA D 157 -24.24 4.36 -6.21
N SER D 158 -23.78 3.64 -5.16
CA SER D 158 -23.64 4.24 -3.84
C SER D 158 -22.67 5.40 -3.85
N THR D 159 -21.53 5.28 -4.54
CA THR D 159 -20.53 6.33 -4.51
C THR D 159 -20.92 7.55 -5.34
N SER D 160 -21.89 7.41 -6.20
CA SER D 160 -22.25 8.49 -7.11
C SER D 160 -23.58 9.14 -6.78
N GLY D 161 -24.33 8.59 -5.83
CA GLY D 161 -25.64 9.10 -5.51
C GLY D 161 -26.71 8.83 -6.54
N GLU D 162 -26.50 7.85 -7.41
CA GLU D 162 -27.44 7.60 -8.49
C GLU D 162 -28.33 6.40 -8.20
N LEU D 163 -29.52 6.42 -8.76
CA LEU D 163 -30.38 5.24 -8.82
C LEU D 163 -30.09 4.46 -10.09
N THR D 164 -30.13 3.13 -9.99
CA THR D 164 -29.90 2.30 -11.16
C THR D 164 -31.17 2.07 -11.98
N TRP D 165 -32.34 2.17 -11.34
CA TRP D 165 -33.60 2.08 -12.04
C TRP D 165 -34.01 3.46 -12.53
N GLU D 166 -35.00 3.49 -13.41
CA GLU D 166 -35.53 4.76 -13.89
C GLU D 166 -36.14 5.55 -12.72
N LYS D 167 -36.37 6.83 -12.98
CA LYS D 167 -36.84 7.71 -11.93
C LYS D 167 -38.22 7.29 -11.45
N PRO D 168 -38.44 7.20 -10.16
CA PRO D 168 -39.70 6.74 -9.63
C PRO D 168 -40.86 7.66 -10.00
N ILE D 169 -42.00 7.04 -10.19
CA ILE D 169 -43.28 7.73 -10.41
C ILE D 169 -43.94 7.99 -9.05
N TYR D 170 -44.51 9.16 -8.86
CA TYR D 170 -44.87 9.52 -7.50
C TYR D 170 -45.98 8.61 -6.95
N SER D 171 -46.98 8.28 -7.77
CA SER D 171 -48.02 7.37 -7.30
C SER D 171 -47.46 6.02 -6.90
N ASP D 172 -46.42 5.54 -7.62
CA ASP D 172 -45.80 4.26 -7.24
C ASP D 172 -45.17 4.37 -5.86
N PHE D 173 -44.47 5.48 -5.60
CA PHE D 173 -43.91 5.77 -4.28
C PHE D 173 -44.99 5.81 -3.21
N GLN D 174 -46.12 6.46 -3.50
CA GLN D 174 -47.18 6.56 -2.52
C GLN D 174 -47.80 5.18 -2.24
N VAL D 175 -48.04 4.37 -3.27
CA VAL D 175 -48.65 3.07 -3.03
C VAL D 175 -47.69 2.18 -2.24
N LEU D 176 -46.42 2.19 -2.61
CA LEU D 176 -45.45 1.39 -1.86
C LEU D 176 -45.34 1.84 -0.41
N SER D 177 -45.38 3.16 -0.17
CA SER D 177 -45.24 3.70 1.18
C SER D 177 -46.33 3.19 2.11
N ARG D 178 -47.54 2.99 1.61
CA ARG D 178 -48.67 2.54 2.45
C ARG D 178 -48.46 1.11 2.89
N GLU D 179 -47.74 0.32 2.11
CA GLU D 179 -47.52 -1.08 2.49
C GLU D 179 -46.19 -1.29 3.20
N SER D 180 -45.13 -0.62 2.73
CA SER D 180 -43.77 -0.73 3.30
C SER D 180 -43.05 0.59 3.16
N GLU D 181 -42.84 1.30 4.27
CA GLU D 181 -42.06 2.51 4.18
C GLU D 181 -40.61 2.20 3.82
N TYR D 182 -40.09 1.04 4.20
CA TYR D 182 -38.76 0.63 3.79
C TYR D 182 -38.65 0.56 2.27
N ALA D 183 -39.66 -0.04 1.61
CA ALA D 183 -39.68 -0.10 0.17
C ALA D 183 -39.67 1.28 -0.45
N ALA D 184 -40.50 2.19 0.05
CA ALA D 184 -40.56 3.53 -0.52
C ALA D 184 -39.22 4.23 -0.36
N TRP D 185 -38.61 4.10 0.82
CA TRP D 185 -37.30 4.70 1.06
C TRP D 185 -36.28 4.22 0.02
N THR D 186 -36.21 2.91 -0.19
CA THR D 186 -35.23 2.31 -1.10
C THR D 186 -35.54 2.65 -2.55
N LEU D 187 -36.83 2.85 -2.89
CA LEU D 187 -37.13 3.22 -4.25
C LEU D 187 -36.47 4.54 -4.63
N VAL D 188 -36.44 5.51 -3.71
CA VAL D 188 -35.95 6.84 -4.06
C VAL D 188 -34.51 7.07 -3.60
N ASN D 189 -33.97 6.22 -2.72
CA ASN D 189 -32.60 6.37 -2.28
C ASN D 189 -31.66 5.27 -2.76
N GLY D 190 -32.16 4.09 -3.09
CA GLY D 190 -31.34 3.02 -3.62
C GLY D 190 -30.22 2.65 -2.65
N TYR D 191 -29.01 2.53 -3.20
CA TYR D 191 -27.85 2.04 -2.48
C TYR D 191 -27.13 3.14 -1.70
N ALA D 192 -27.73 4.32 -1.58
CA ALA D 192 -27.11 5.37 -0.80
C ALA D 192 -26.91 4.93 0.65
N LEU D 193 -25.81 5.37 1.24
CA LEU D 193 -25.59 5.16 2.67
C LEU D 193 -26.82 5.63 3.44
N ASN D 194 -27.41 4.72 4.23
CA ASN D 194 -28.61 5.00 5.01
C ASN D 194 -28.26 5.72 6.30
N HIS D 195 -27.16 5.31 6.92
CA HIS D 195 -26.59 6.10 8.00
C HIS D 195 -25.18 5.65 8.30
N THR D 196 -24.41 6.56 8.86
CA THR D 196 -23.23 6.20 9.64
C THR D 196 -23.55 6.31 11.13
N THR D 197 -22.63 5.81 11.94
CA THR D 197 -22.88 5.68 13.37
C THR D 197 -21.62 6.15 14.08
N ILE D 198 -21.79 7.08 15.01
CA ILE D 198 -20.68 7.51 15.86
C ILE D 198 -20.54 6.53 17.03
N SER D 199 -19.30 6.06 17.25
CA SER D 199 -18.98 5.27 18.45
C SER D 199 -18.75 6.19 19.64
N THR D 200 -19.80 6.37 20.49
CA THR D 200 -19.67 7.35 21.56
C THR D 200 -18.58 6.94 22.54
N HIS D 201 -18.36 5.65 22.79
CA HIS D 201 -17.38 5.25 23.80
C HIS D 201 -15.94 5.47 23.34
N ARG D 202 -15.74 5.82 22.07
CA ARG D 202 -14.41 6.19 21.61
C ARG D 202 -14.15 7.68 21.64
N LEU D 203 -15.17 8.49 21.94
CA LEU D 203 -14.96 9.91 22.25
C LEU D 203 -14.28 10.08 23.61
N ILE D 204 -13.69 11.26 23.82
CA ILE D 204 -12.89 11.56 24.98
C ILE D 204 -13.66 12.35 26.03
N SER D 205 -14.53 13.25 25.60
CA SER D 205 -15.14 14.20 26.53
C SER D 205 -16.26 13.50 27.28
N ASP D 206 -17.05 14.27 28.04
CA ASP D 206 -18.18 13.70 28.78
C ASP D 206 -19.28 13.15 27.86
N ILE D 207 -19.33 13.54 26.59
CA ILE D 207 -20.38 12.99 25.73
C ILE D 207 -20.00 11.61 25.24
N ARG D 208 -18.96 11.02 25.81
CA ARG D 208 -18.70 9.63 25.50
C ARG D 208 -19.76 8.73 26.11
N SER D 209 -20.48 9.22 27.13
CA SER D 209 -21.64 8.52 27.68
C SER D 209 -22.86 8.84 26.82
N ILE D 210 -23.55 7.80 26.35
CA ILE D 210 -24.56 8.06 25.33
C ILE D 210 -25.70 8.91 25.87
N ASN D 211 -26.03 8.77 27.17
CA ASN D 211 -27.08 9.62 27.74
C ASN D 211 -26.72 11.10 27.66
N LYS D 212 -25.46 11.44 27.93
CA LYS D 212 -25.03 12.84 27.80
C LYS D 212 -24.87 13.24 26.33
N PHE D 213 -24.43 12.31 25.49
CA PHE D 213 -24.42 12.58 24.05
C PHE D 213 -25.82 12.95 23.55
N ASN D 214 -26.85 12.24 24.01
CA ASN D 214 -28.20 12.51 23.50
C ASN D 214 -28.66 13.90 23.91
N LYS D 215 -28.37 14.31 25.14
CA LYS D 215 -28.75 15.64 25.57
C LYS D 215 -27.94 16.71 24.84
N PHE D 216 -26.68 16.41 24.52
CA PHE D 216 -25.89 17.32 23.69
C PHE D 216 -26.54 17.52 22.32
N VAL D 217 -27.01 16.43 21.69
CA VAL D 217 -27.67 16.57 20.40
C VAL D 217 -28.96 17.37 20.52
N GLU D 218 -29.76 17.09 21.55
CA GLU D 218 -31.02 17.83 21.72
C GLU D 218 -30.76 19.27 22.13
N ASP D 219 -29.73 19.52 22.92
CA ASP D 219 -29.42 20.90 23.31
C ASP D 219 -29.04 21.75 22.10
N ASN D 220 -28.52 21.13 21.05
CA ASN D 220 -28.17 21.83 19.82
C ASN D 220 -29.31 21.85 18.82
N GLY D 221 -30.51 21.45 19.21
CA GLY D 221 -31.68 21.71 18.40
C GLY D 221 -32.12 20.59 17.49
N PHE D 222 -31.54 19.40 17.62
CA PHE D 222 -31.84 18.28 16.73
C PHE D 222 -32.73 17.27 17.44
N LYS D 223 -33.60 16.65 16.65
CA LYS D 223 -34.61 15.73 17.14
C LYS D 223 -34.13 14.29 17.01
N LEU D 224 -34.25 13.53 18.10
CA LEU D 224 -33.92 12.11 18.11
C LEU D 224 -35.15 11.26 17.83
N ASN D 225 -34.94 10.14 17.16
CA ASN D 225 -36.03 9.18 16.95
C ASN D 225 -36.57 8.72 18.30
N SER D 226 -37.89 8.81 18.47
CA SER D 226 -38.52 8.59 19.77
C SER D 226 -39.24 7.26 19.85
N GLU D 227 -39.30 6.52 18.74
CA GLU D 227 -40.00 5.24 18.71
C GLU D 227 -39.26 4.25 19.61
N GLY D 228 -39.92 3.80 20.67
CA GLY D 228 -39.24 2.99 21.66
C GLY D 228 -38.35 3.75 22.61
N GLY D 229 -38.57 5.04 22.78
CA GLY D 229 -37.70 5.88 23.59
C GLY D 229 -36.49 6.34 22.80
N ILE D 230 -35.88 7.44 23.25
CA ILE D 230 -34.75 7.95 22.48
C ILE D 230 -33.50 7.10 22.64
N LEU D 231 -33.43 6.25 23.67
CA LEU D 231 -32.30 5.35 23.84
C LEU D 231 -32.79 3.91 23.84
N LYS D 232 -32.35 3.14 22.83
CA LYS D 232 -32.66 1.72 22.71
C LYS D 232 -31.56 0.93 23.42
N VAL D 233 -31.94 0.12 24.40
CA VAL D 233 -31.02 -0.68 25.17
C VAL D 233 -31.31 -2.15 24.90
N SER D 234 -30.30 -2.91 24.50
CA SER D 234 -30.49 -4.32 24.22
C SER D 234 -30.89 -5.05 25.48
N PRO D 235 -31.44 -6.26 25.35
CA PRO D 235 -31.83 -6.98 26.57
C PRO D 235 -30.66 -7.33 27.46
N ASP D 236 -29.44 -7.55 26.92
CA ASP D 236 -28.31 -7.81 27.81
C ASP D 236 -27.74 -6.53 28.41
N GLY D 237 -28.21 -5.38 27.95
CA GLY D 237 -27.78 -4.10 28.50
C GLY D 237 -26.53 -3.52 27.87
N LEU D 238 -25.88 -4.24 26.97
CA LEU D 238 -24.53 -3.90 26.56
C LEU D 238 -24.47 -3.12 25.26
N LEU D 239 -25.57 -3.02 24.54
CA LEU D 239 -25.61 -2.27 23.31
C LEU D 239 -26.69 -1.19 23.44
N GLN D 240 -26.29 0.07 23.37
CA GLN D 240 -27.20 1.19 23.59
C GLN D 240 -27.10 2.13 22.41
N GLN D 241 -28.24 2.46 21.81
CA GLN D 241 -28.19 3.14 20.52
C GLN D 241 -29.28 4.20 20.47
N SER D 242 -28.98 5.30 19.77
CA SER D 242 -29.96 6.37 19.54
C SER D 242 -29.73 6.90 18.12
N SER D 243 -30.67 7.68 17.60
CA SER D 243 -30.51 8.12 16.23
C SER D 243 -31.34 9.36 16.01
N THR D 244 -30.92 10.16 15.05
CA THR D 244 -31.73 11.30 14.64
C THR D 244 -32.89 10.87 13.75
N VAL D 245 -33.93 11.70 13.75
CA VAL D 245 -34.98 11.64 12.74
C VAL D 245 -34.38 12.06 11.40
N ALA D 246 -34.70 11.31 10.36
CA ALA D 246 -34.02 11.52 9.08
C ALA D 246 -34.30 12.90 8.48
N ASP D 247 -33.34 13.37 7.69
CA ASP D 247 -33.54 14.55 6.89
C ASP D 247 -34.50 14.24 5.74
N SER D 248 -35.07 15.30 5.19
CA SER D 248 -36.00 15.25 4.08
C SER D 248 -35.44 16.11 2.95
N ALA D 249 -35.93 15.87 1.74
CA ALA D 249 -35.57 16.72 0.61
C ALA D 249 -36.67 16.68 -0.43
N LEU D 250 -36.75 17.73 -1.21
CA LEU D 250 -37.60 17.69 -2.39
C LEU D 250 -37.00 16.77 -3.45
N PHE D 251 -37.84 15.94 -4.05
CA PHE D 251 -37.45 14.98 -5.07
C PHE D 251 -38.38 15.21 -6.26
N THR D 252 -37.82 15.34 -7.45
CA THR D 252 -38.65 15.51 -8.64
C THR D 252 -38.88 14.11 -9.21
N PHE D 253 -40.12 13.65 -9.14
CA PHE D 253 -40.45 12.31 -9.60
C PHE D 253 -40.55 12.31 -11.12
N ALA D 254 -40.80 11.14 -11.71
CA ALA D 254 -40.86 11.06 -13.16
C ALA D 254 -41.89 12.00 -13.77
N ASP D 255 -43.05 12.13 -13.15
CA ASP D 255 -44.13 12.79 -13.90
C ASP D 255 -43.92 14.29 -13.95
N GLY D 256 -42.90 14.78 -13.26
CA GLY D 256 -42.82 16.19 -12.96
C GLY D 256 -43.39 16.56 -11.61
N ILE D 257 -43.90 15.59 -10.85
CA ILE D 257 -44.30 15.84 -9.48
C ILE D 257 -43.03 15.98 -8.64
N THR D 258 -42.94 17.08 -7.90
CA THR D 258 -41.89 17.26 -6.91
C THR D 258 -42.54 17.21 -5.55
N GLU D 259 -42.08 16.27 -4.72
CA GLU D 259 -42.62 16.03 -3.39
C GLU D 259 -41.47 15.71 -2.46
N SER D 260 -41.72 15.87 -1.16
CA SER D 260 -40.71 15.56 -0.15
C SER D 260 -40.51 14.07 0.01
N ILE D 261 -39.26 13.67 0.20
CA ILE D 261 -38.93 12.28 0.48
C ILE D 261 -38.00 12.24 1.71
N PRO D 262 -37.94 11.10 2.38
CA PRO D 262 -36.88 10.91 3.37
C PRO D 262 -35.52 10.69 2.72
N ARG D 263 -34.51 11.29 3.32
CA ARG D 263 -33.13 10.96 3.02
C ARG D 263 -32.62 10.12 4.20
N SER D 264 -31.40 10.37 4.66
CA SER D 264 -30.76 9.49 5.62
C SER D 264 -30.72 10.14 7.01
N TYR D 265 -30.09 9.45 7.96
CA TYR D 265 -29.99 9.89 9.34
C TYR D 265 -28.61 9.51 9.85
N ILE D 266 -28.35 9.82 11.13
CA ILE D 266 -27.09 9.48 11.79
C ILE D 266 -27.46 8.76 13.07
N GLU D 267 -26.66 7.77 13.44
CA GLU D 267 -26.87 7.01 14.66
C GLU D 267 -25.67 7.20 15.60
N PHE D 268 -25.92 6.93 16.88
CA PHE D 268 -24.95 7.04 17.97
C PHE D 268 -25.04 5.75 18.76
N ALA D 269 -23.92 5.10 18.98
CA ALA D 269 -23.90 3.79 19.61
C ALA D 269 -22.83 3.74 20.68
N GLU D 270 -23.18 3.12 21.81
CA GLU D 270 -22.26 2.80 22.88
C GLU D 270 -22.26 1.28 23.06
N ARG D 271 -21.08 0.68 23.10
CA ARG D 271 -20.91 -0.75 23.38
C ARG D 271 -20.18 -0.91 24.71
N LEU D 272 -20.85 -1.54 25.66
CA LEU D 272 -20.32 -1.71 27.00
C LEU D 272 -19.38 -2.92 27.02
N VAL D 273 -18.56 -2.98 28.06
CA VAL D 273 -17.56 -4.02 28.21
C VAL D 273 -18.21 -5.35 28.55
N LEU D 274 -17.71 -6.42 27.93
CA LEU D 274 -18.22 -7.75 28.21
C LEU D 274 -17.82 -8.20 29.60
N PRO D 275 -18.63 -9.07 30.21
CA PRO D 275 -18.41 -9.44 31.62
C PRO D 275 -17.04 -10.04 31.88
N GLN D 276 -16.47 -10.83 30.97
CA GLN D 276 -15.14 -11.41 31.18
C GLN D 276 -14.03 -10.36 31.24
N PHE D 277 -14.33 -9.11 30.88
CA PHE D 277 -13.35 -8.03 30.89
C PHE D 277 -13.69 -6.92 31.87
N LYS D 278 -14.62 -7.17 32.79
CA LYS D 278 -15.00 -6.19 33.80
C LYS D 278 -13.83 -5.71 34.64
N ASP D 279 -12.85 -6.57 34.86
CA ASP D 279 -11.78 -6.24 35.78
C ASP D 279 -10.64 -5.46 35.11
N LEU D 280 -10.78 -5.07 33.86
CA LEU D 280 -9.76 -4.22 33.27
C LEU D 280 -9.98 -2.75 33.65
N PRO D 281 -8.91 -2.00 33.93
CA PRO D 281 -9.06 -0.55 34.05
C PRO D 281 -9.53 0.05 32.73
N ASN D 282 -10.22 1.19 32.84
CA ASN D 282 -10.84 1.77 31.65
C ASN D 282 -9.80 2.15 30.59
N ASP D 283 -8.58 2.48 30.99
CA ASP D 283 -7.56 2.82 30.01
C ASP D 283 -7.01 1.60 29.29
N GLU D 284 -7.42 0.39 29.68
CA GLU D 284 -6.99 -0.82 28.99
C GLU D 284 -8.10 -1.45 28.15
N VAL D 285 -9.28 -0.86 28.13
CA VAL D 285 -10.38 -1.43 27.38
C VAL D 285 -10.24 -1.02 25.91
N ASN D 286 -10.32 -1.99 25.01
CA ASN D 286 -10.34 -1.74 23.57
C ASN D 286 -11.63 -2.31 22.96
N GLU D 287 -11.78 -2.13 21.66
CA GLU D 287 -13.08 -2.42 21.03
C GLU D 287 -13.44 -3.91 21.12
N HIS D 288 -12.45 -4.81 21.07
CA HIS D 288 -12.77 -6.24 21.16
C HIS D 288 -13.15 -6.70 22.56
N HIS D 289 -13.02 -5.85 23.56
CA HIS D 289 -13.51 -6.16 24.89
C HIS D 289 -14.98 -5.78 25.07
N ARG D 290 -15.58 -5.16 24.05
CA ARG D 290 -16.92 -4.59 24.14
C ARG D 290 -17.89 -5.44 23.33
N ARG D 291 -19.17 -5.37 23.70
CA ARG D 291 -20.18 -6.22 23.06
C ARG D 291 -20.26 -5.91 21.57
N ASP D 292 -20.21 -6.94 20.74
CA ASP D 292 -20.14 -6.77 19.31
C ASP D 292 -21.52 -7.05 18.72
N GLY D 293 -21.64 -6.82 17.42
CA GLY D 293 -22.85 -7.13 16.68
C GLY D 293 -24.00 -6.16 16.91
N PHE D 294 -25.20 -6.68 16.67
CA PHE D 294 -26.41 -5.90 16.65
C PHE D 294 -27.50 -6.67 17.37
N GLU D 295 -28.62 -6.01 17.63
CA GLU D 295 -29.68 -6.65 18.40
C GLU D 295 -31.01 -6.34 17.73
N VAL D 296 -31.85 -7.35 17.59
CA VAL D 296 -33.02 -7.22 16.74
C VAL D 296 -33.99 -6.19 17.31
N GLY D 297 -34.20 -6.18 18.64
CA GLY D 297 -35.16 -5.25 19.22
C GLY D 297 -34.74 -3.80 19.03
N ASN D 298 -33.45 -3.51 19.22
CA ASN D 298 -32.94 -2.17 18.95
C ASN D 298 -33.09 -1.80 17.47
N ALA D 299 -32.57 -2.63 16.59
CA ALA D 299 -32.57 -2.29 15.17
C ALA D 299 -34.00 -2.04 14.68
N ASP D 300 -34.95 -2.81 15.20
CA ASP D 300 -36.32 -2.74 14.69
C ASP D 300 -36.85 -1.32 14.81
N LYS D 301 -36.47 -0.64 15.88
CA LYS D 301 -36.98 0.73 16.08
C LYS D 301 -36.11 1.76 15.40
N ILE D 302 -34.82 1.46 15.20
CA ILE D 302 -33.96 2.41 14.50
C ILE D 302 -34.33 2.47 13.03
N PHE D 303 -34.82 1.38 12.44
CA PHE D 303 -35.34 1.46 11.08
C PHE D 303 -36.39 2.58 10.94
N GLU D 304 -37.07 2.95 12.04
CA GLU D 304 -38.16 3.91 11.93
C GLU D 304 -37.68 5.36 11.96
N SER D 305 -36.36 5.58 11.94
CA SER D 305 -35.83 6.93 11.87
C SER D 305 -36.19 7.61 10.55
N THR D 306 -36.52 6.84 9.52
CA THR D 306 -37.00 7.38 8.24
C THR D 306 -38.51 7.36 8.08
N SER D 307 -39.27 6.89 9.06
CA SER D 307 -40.70 6.70 8.90
C SER D 307 -41.45 8.03 8.89
N ASN D 308 -42.63 8.00 8.30
CA ASN D 308 -43.42 9.23 8.17
CA ASN D 308 -43.41 9.23 8.17
C ASN D 308 -43.82 9.76 9.54
N ASP D 309 -44.11 8.86 10.48
CA ASP D 309 -44.52 9.29 11.82
C ASP D 309 -43.41 10.11 12.48
N GLN D 310 -42.16 9.72 12.26
CA GLN D 310 -41.05 10.44 12.86
C GLN D 310 -40.73 11.71 12.09
N LEU D 311 -40.79 11.67 10.76
CA LEU D 311 -40.49 12.86 9.97
C LEU D 311 -41.53 13.96 10.18
N THR D 312 -42.80 13.61 10.40
CA THR D 312 -43.83 14.62 10.60
C THR D 312 -43.65 15.40 11.91
N ARG D 313 -42.75 14.97 12.79
CA ARG D 313 -42.45 15.76 13.98
C ARG D 313 -41.60 16.99 13.68
N ARG D 314 -40.80 16.96 12.62
CA ARG D 314 -39.95 18.10 12.23
C ARG D 314 -40.72 19.14 11.39
NI NI E . -8.18 5.84 -30.07
C2 OOG F . -4.99 3.18 -27.47
C3 OOG F . -4.39 3.53 -28.83
C4 OOG F . -5.19 2.85 -29.94
C6 OOG F . -6.96 3.73 -31.72
O4 OOG F . -6.59 2.88 -32.58
O3 OOG F . -7.72 4.66 -32.05
C5 OOG F . -6.47 3.62 -30.27
C1 OOG F . -4.11 3.65 -26.30
O1 OOG F . -4.25 3.20 -25.22
O2 OOG F . -3.11 4.61 -26.50
O5 OOG F . -7.10 4.12 -29.42
H21C OOG F . -5.11 2.22 -27.41
H22C OOG F . -5.86 3.60 -27.38
H31C OOG F . -3.47 3.23 -28.86
H32C OOG F . -4.42 4.49 -28.95
H41C OOG F . -4.64 2.80 -30.75
H42C OOG F . -5.42 1.95 -29.67
H4 OOG F . -6.94 3.08 -33.32
H2 OOG F . -3.09 4.87 -27.31
S SO4 G . -24.21 26.52 -28.64
O1 SO4 G . -25.22 25.52 -28.32
O2 SO4 G . -24.41 27.00 -30.00
O3 SO4 G . -22.87 25.93 -28.52
O4 SO4 G . -24.33 27.64 -27.71
S SO4 H . -18.20 23.99 -45.87
O1 SO4 H . -19.09 23.14 -46.65
O2 SO4 H . -18.81 24.27 -44.57
O3 SO4 H . -16.91 23.30 -45.69
O4 SO4 H . -18.00 25.24 -46.59
NI NI I . 28.67 21.04 -8.54
C2 OOG J . 32.11 17.71 -7.47
C3 OOG J . 32.06 18.03 -8.97
C4 OOG J . 30.75 17.53 -9.59
C6 OOG J . 28.62 18.81 -10.46
O4 OOG J . 28.38 17.95 -11.35
O3 OOG J . 28.02 19.90 -10.49
C5 OOG J . 29.62 18.52 -9.35
C1 OOG J . 33.48 18.00 -6.88
O1 OOG J . 33.77 17.56 -5.83
O2 OOG J . 34.42 18.79 -7.56
O5 OOG J . 29.50 19.07 -8.31
H21C OOG J . 31.90 16.76 -7.35
H22C OOG J . 31.44 18.24 -7.02
H31C OOG J . 32.81 17.61 -9.42
H32C OOG J . 32.12 18.99 -9.09
H41C OOG J . 30.88 17.41 -10.54
H42C OOG J . 30.52 16.67 -9.19
H4 OOG J . 27.81 18.25 -11.89
H2 OOG J . 34.11 19.04 -8.30
S SO4 K . 10.29 27.45 -6.70
O1 SO4 K . 10.85 28.55 -7.49
O2 SO4 K . 8.83 27.51 -6.76
O3 SO4 K . 10.73 27.54 -5.30
O4 SO4 K . 10.74 26.18 -7.27
S SO4 L . 44.60 32.07 -19.16
O1 SO4 L . 44.85 33.06 -20.21
O2 SO4 L . 43.33 32.40 -18.51
O3 SO4 L . 44.54 30.73 -19.74
O4 SO4 L . 45.67 32.15 -18.16
S SO4 M . 12.44 16.34 -6.04
O1 SO4 M . 11.58 16.70 -7.16
O2 SO4 M . 11.95 15.12 -5.42
O3 SO4 M . 12.43 17.42 -5.07
O4 SO4 M . 13.79 16.13 -6.53
S SO4 N . 22.26 34.38 -24.00
O1 SO4 N . 21.30 34.65 -25.06
O2 SO4 N . 21.85 35.07 -22.79
O3 SO4 N . 22.32 32.93 -23.77
O4 SO4 N . 23.58 34.87 -24.41
S SO4 O . 16.43 40.05 -19.96
O1 SO4 O . 15.49 39.50 -20.95
O2 SO4 O . 15.69 40.55 -18.80
O3 SO4 O . 17.37 39.01 -19.55
O4 SO4 O . 17.18 41.16 -20.56
S SO4 P . 18.85 -40.09 16.93
O1 SO4 P . 18.58 -39.53 15.62
O2 SO4 P . 17.61 -40.11 17.71
O3 SO4 P . 19.36 -41.47 16.79
O4 SO4 P . 19.84 -39.28 17.61
S SO4 Q . -9.40 -13.83 37.84
O1 SO4 Q . -9.78 -13.54 36.51
O2 SO4 Q . -10.06 -12.96 38.69
O3 SO4 Q . -9.75 -15.16 38.14
O4 SO4 Q . -8.02 -13.64 37.92
NI NI R . 3.10 -31.98 18.53
C2 OOG S . 7.05 -34.07 20.53
C3 OOG S . 6.76 -34.65 19.14
C4 OOG S . 5.44 -35.41 19.17
C6 OOG S . 3.08 -34.79 18.15
O4 OOG S . 2.87 -35.98 17.80
O3 OOG S . 2.32 -33.88 17.74
C5 OOG S . 4.25 -34.45 19.06
C1 OOG S . 8.45 -33.45 20.59
O1 OOG S . 8.92 -33.17 21.65
O2 OOG S . 9.18 -33.18 19.44
O5 OOG S . 4.24 -33.46 19.69
H21C OOG S . 6.99 -34.78 21.18
H22C OOG S . 6.39 -33.39 20.74
H31C OOG S . 7.47 -35.25 18.89
H32C OOG S . 6.70 -33.93 18.50
H41C OOG S . 5.42 -36.03 18.43
H42C OOG S . 5.37 -35.92 19.99
H4 OOG S . 2.19 -36.02 17.29
H2 OOG S . 8.75 -33.42 18.75
S SO4 T . -14.83 -26.50 21.57
O1 SO4 T . -15.11 -27.09 20.26
O2 SO4 T . -15.55 -25.23 21.68
O3 SO4 T . -15.30 -27.41 22.62
O4 SO4 T . -13.39 -26.28 21.73
S SO4 U . 15.62 -28.88 0.78
O1 SO4 U . 14.33 -29.39 0.30
O2 SO4 U . 15.42 -27.56 1.40
O3 SO4 U . 16.17 -29.82 1.75
O4 SO4 U . 16.54 -28.75 -0.35
S SO4 V . 15.62 -20.03 6.44
O1 SO4 V . 14.71 -21.03 5.89
O2 SO4 V . 14.83 -19.03 7.16
O3 SO4 V . 16.56 -20.65 7.37
O4 SO4 V . 16.37 -19.41 5.34
NI NI W . -27.32 1.38 12.76
C2 OOG X . -30.76 0.02 9.65
C3 OOG X . -31.42 -0.06 11.03
C4 OOG X . -30.74 -1.08 11.93
C6 OOG X . -28.87 -0.91 13.80
O4 OOG X . -29.37 -1.87 14.45
O3 OOG X . -27.98 -0.21 14.31
C5 OOG X . -29.36 -0.62 12.38
C1 OOG X . -31.60 0.86 8.67
O1 OOG X . -31.52 0.71 7.49
O2 OOG X . -32.46 1.85 9.16
O5 OOG X . -28.64 -0.03 11.66
H21C OOG X . -30.68 -0.88 9.30
H22C OOG X . -29.88 0.40 9.72
H31C OOG X . -32.35 -0.30 10.92
H32C OOG X . -31.37 0.82 11.45
H41C OOG X . -31.29 -1.22 12.72
H42C OOG X . -30.65 -1.93 11.45
H4 OOG X . -28.99 -1.91 15.21
H2 OOG X . -32.45 1.87 10.00
S SO4 Y . -43.62 -10.61 -18.72
O1 SO4 Y . -43.38 -11.46 -19.89
O2 SO4 Y . -45.07 -10.51 -18.50
O3 SO4 Y . -42.97 -11.17 -17.53
O4 SO4 Y . -43.10 -9.27 -18.95
S SO4 Z . -53.51 2.06 -1.70
O1 SO4 Z . -53.95 3.38 -2.16
O2 SO4 Z . -54.44 1.54 -0.70
O3 SO4 Z . -53.39 1.12 -2.80
O4 SO4 Z . -52.18 2.16 -1.11
S SO4 AA . -37.97 8.41 26.57
O1 SO4 AA . -39.38 8.18 26.30
O2 SO4 AA . -37.82 9.38 27.64
O3 SO4 AA . -37.35 7.14 26.96
O4 SO4 AA . -37.33 8.93 25.37
S SO4 BA . -15.04 14.08 32.03
O1 SO4 BA . -16.17 13.17 31.91
O2 SO4 BA . -15.40 15.39 31.49
O3 SO4 BA . -13.89 13.56 31.29
O4 SO4 BA . -14.68 14.22 33.44
#